data_4MGY
#
_entry.id   4MGY
#
_cell.length_a   125.592
_cell.length_b   145.195
_cell.length_c   229.991
_cell.angle_alpha   90.00
_cell.angle_beta   90.00
_cell.angle_gamma   90.00
#
_symmetry.space_group_name_H-M   'I 21 21 21'
#
loop_
_entity.id
_entity.type
_entity.pdbx_description
1 polymer 'Rap guanine nucleotide exchange factor 4'
2 polymer 'Ras-related protein Rap-1b'
3 non-polymer '(2S,4aR,6R,7R,7aR)-6-{6-amino-8-[(4-chlorophenyl)sulfanyl]-9H-purin-9-yl}-7-methoxytetrahydro-4H-furo[3,2-d][1,3,2]dioxaphosphinin-2-ol 2-oxide'
4 non-polymer 'SULFATE ION'
5 water water
#
loop_
_entity_poly.entity_id
_entity_poly.type
_entity_poly.pdbx_seq_one_letter_code
_entity_poly.pdbx_strand_id
1 'polypeptide(L)'
;GSPESFPDAHMRMILRKPPGQRTVDDLEIIYDELLHIKALSHLSTTVKRELAGVLIFESHAKGGTVLFNQGEEGTSWYII
LKGSVNVVIYGKGVVCTLHEGDDFGQLALVNDAPRAASIVLREDNCHFLRVDKEDFNRILRDVEANTVRLKEHDQDVLVL
EKVPAGNRAANQGNSQPQQKYTVMSGTPEKILEHFLETIRLEPSLNEATDSVLNDFVMMHCVFMPNTQLCPALVAHYHAQ
PSQGTEQERMDYALNNKRRVIRLVLQWAAMYGDLLQEDDVAMAFLEEFYVSVSDDARMMAAFKEQLPELEKIVKQISEDA
KAPQKKHKVLLQQFNTGDERAQKRQPIRGSDEVLFKVYCIDHTYTTIRVPVAASVKEVISAVADKLGSGEGLIIVKMNSG
GEKVVLKSNDVSVFTTLTINGRLFACPREQFDSLTPLPEQEGPTTGTVGTFELMSSKDLAYQMTTYDWELFNCVHELELI
YHTFGRHNFKKTTANLDLFLRRFNEIQFWVVTEVCLCSQLSKRVQLLKKFIKIAAHCKEYKNLNSFFAIVMGLSNVAVSR
LALTWEKLPSKFKKFYAEFESLMDPSRNHRAYRLTAAKLEPPLIPFMPLLIKDMTFTHEGNKTFIDNLVNFEKMRMIANT
ARTVRYYRSQPFNPDAAQANKNHQDVRSYVRQLNVIDNQRTLSQMSHRLEPRRP
;
E
2 'polypeptide(L)'
;MREYKLVVLGSGGVGKSALTVQFVQGIFVEKYDPTIEDSYRKQVEVDAQQCMLEILDTAGTEQFTAMRDLYMKNGQGFAL
VYSITAQSTFNDLQDLREQILRVKDTDDVPMILVGNKCDLEDERVVGKEQGQNLARQWNNCAFLESSAKSKINVNEIFYD
LVRQINR
;
R
#
loop_
_chem_comp.id
_chem_comp.type
_chem_comp.name
_chem_comp.formula
H07 non-polymer '(2S,4aR,6R,7R,7aR)-6-{6-amino-8-[(4-chlorophenyl)sulfanyl]-9H-purin-9-yl}-7-methoxytetrahydro-4H-furo[3,2-d][1,3,2]dioxaphosphinin-2-ol 2-oxide' 'C17 H17 Cl N5 O6 P S'
SO4 non-polymer 'SULFATE ION' 'O4 S -2'
#
# COMPACT_ATOMS: atom_id res chain seq x y z
N MET A 11 56.97 0.24 -16.60
CA MET A 11 55.56 0.72 -16.51
C MET A 11 54.73 -0.09 -15.51
N ARG A 12 54.74 -1.41 -15.66
CA ARG A 12 54.06 -2.28 -14.70
C ARG A 12 54.83 -2.44 -13.40
N MET A 13 56.15 -2.22 -13.46
CA MET A 13 56.98 -2.15 -12.24
C MET A 13 56.57 -0.91 -11.45
N ILE A 14 56.40 0.20 -12.16
CA ILE A 14 55.89 1.44 -11.58
C ILE A 14 54.56 1.18 -10.87
N LEU A 15 53.67 0.45 -11.54
CA LEU A 15 52.35 0.16 -11.01
C LEU A 15 52.34 -0.93 -9.93
N ARG A 16 53.49 -1.58 -9.72
CA ARG A 16 53.64 -2.56 -8.65
C ARG A 16 54.12 -1.93 -7.34
N LYS A 17 54.70 -0.73 -7.44
CA LYS A 17 55.19 0.01 -6.26
C LYS A 17 54.04 0.42 -5.35
N PRO A 18 54.23 0.27 -4.02
CA PRO A 18 53.24 0.75 -3.04
C PRO A 18 53.01 2.26 -3.15
N PRO A 19 51.81 2.74 -2.77
CA PRO A 19 51.41 4.15 -2.88
C PRO A 19 52.48 5.16 -2.46
N GLY A 20 53.03 5.02 -1.25
CA GLY A 20 54.01 5.98 -0.71
C GLY A 20 55.44 5.78 -1.17
N GLN A 21 55.63 5.14 -2.31
CA GLN A 21 56.96 4.81 -2.81
C GLN A 21 57.18 5.23 -4.27
N ARG A 22 56.12 5.74 -4.89
CA ARG A 22 56.19 6.19 -6.29
C ARG A 22 56.73 7.60 -6.41
N THR A 23 57.58 7.83 -7.42
CA THR A 23 58.20 9.13 -7.64
C THR A 23 57.24 10.08 -8.36
N VAL A 24 57.60 11.36 -8.41
CA VAL A 24 56.80 12.37 -9.10
C VAL A 24 56.67 12.03 -10.59
N ASP A 25 57.77 11.61 -11.20
CA ASP A 25 57.76 11.20 -12.61
C ASP A 25 56.98 9.90 -12.82
N ASP A 26 57.00 9.02 -11.83
CA ASP A 26 56.20 7.79 -11.84
C ASP A 26 54.72 8.12 -11.90
N LEU A 27 54.28 9.00 -10.99
CA LEU A 27 52.90 9.48 -10.91
C LEU A 27 52.46 10.19 -12.18
N GLU A 28 53.39 10.94 -12.76
CA GLU A 28 53.12 11.75 -13.93
C GLU A 28 52.92 10.88 -15.18
N ILE A 29 53.64 9.76 -15.23
CA ILE A 29 53.60 8.83 -16.35
C ILE A 29 52.42 7.84 -16.24
N ILE A 30 52.07 7.46 -15.01
CA ILE A 30 50.89 6.63 -14.76
C ILE A 30 49.62 7.39 -15.17
N TYR A 31 49.51 8.65 -14.72
CA TYR A 31 48.37 9.50 -15.02
C TYR A 31 48.09 9.59 -16.52
N ASP A 32 49.16 9.84 -17.29
CA ASP A 32 49.07 9.95 -18.75
C ASP A 32 48.39 8.75 -19.40
N GLU A 33 48.60 7.57 -18.82
CA GLU A 33 48.00 6.33 -19.31
C GLU A 33 46.57 6.12 -18.84
N LEU A 34 46.23 6.71 -17.70
CA LEU A 34 44.87 6.59 -17.15
C LEU A 34 43.82 7.29 -18.03
N LEU A 35 44.28 8.24 -18.85
CA LEU A 35 43.41 8.94 -19.79
C LEU A 35 42.91 8.03 -20.92
N HIS A 36 43.55 6.88 -21.07
CA HIS A 36 43.19 5.89 -22.09
C HIS A 36 42.23 4.82 -21.58
N ILE A 37 42.14 4.68 -20.26
CA ILE A 37 41.24 3.71 -19.63
C ILE A 37 39.82 4.26 -19.57
N LYS A 38 38.89 3.53 -20.18
CA LYS A 38 37.51 4.00 -20.33
C LYS A 38 36.71 4.02 -19.03
N ALA A 39 37.02 3.10 -18.12
CA ALA A 39 36.32 3.02 -16.83
C ALA A 39 36.58 4.23 -15.92
N LEU A 40 37.56 5.05 -16.29
CA LEU A 40 37.97 6.19 -15.48
C LEU A 40 37.65 7.54 -16.15
N SER A 41 37.25 7.50 -17.42
CA SER A 41 37.10 8.72 -18.23
C SER A 41 36.05 9.72 -17.74
N HIS A 42 35.04 9.24 -17.03
CA HIS A 42 33.99 10.11 -16.48
C HIS A 42 34.44 10.83 -15.19
N LEU A 43 35.57 10.41 -14.63
CA LEU A 43 36.07 10.97 -13.38
C LEU A 43 36.91 12.23 -13.61
N SER A 44 36.96 13.09 -12.59
CA SER A 44 37.69 14.35 -12.67
C SER A 44 39.20 14.15 -12.65
N THR A 45 39.93 15.15 -13.14
CA THR A 45 41.39 15.18 -13.07
C THR A 45 41.88 14.97 -11.64
N THR A 46 41.23 15.66 -10.70
CA THR A 46 41.54 15.52 -9.27
C THR A 46 41.53 14.06 -8.82
N VAL A 47 40.47 13.34 -9.19
CA VAL A 47 40.33 11.93 -8.85
C VAL A 47 41.37 11.06 -9.57
N LYS A 48 41.57 11.32 -10.87
CA LYS A 48 42.54 10.58 -11.68
C LYS A 48 43.98 10.73 -11.19
N ARG A 49 44.33 11.93 -10.71
CA ARG A 49 45.66 12.20 -10.16
C ARG A 49 45.88 11.43 -8.86
N GLU A 50 44.84 11.38 -8.03
CA GLU A 50 44.87 10.62 -6.77
C GLU A 50 44.98 9.12 -7.03
N LEU A 51 44.26 8.65 -8.05
CA LEU A 51 44.28 7.24 -8.42
C LEU A 51 45.65 6.79 -8.96
N ALA A 52 46.37 7.73 -9.55
CA ALA A 52 47.71 7.47 -10.09
C ALA A 52 48.67 6.94 -9.03
N GLY A 53 48.48 7.39 -7.79
CA GLY A 53 49.32 6.95 -6.68
C GLY A 53 48.74 5.83 -5.86
N VAL A 54 47.72 5.16 -6.39
CA VAL A 54 46.94 4.19 -5.62
C VAL A 54 46.61 2.88 -6.39
N LEU A 55 46.54 2.97 -7.71
CA LEU A 55 46.24 1.82 -8.56
C LEU A 55 47.38 0.80 -8.60
N ILE A 56 47.15 -0.37 -8.01
CA ILE A 56 48.12 -1.47 -8.01
C ILE A 56 47.91 -2.40 -9.21
N PHE A 57 49.03 -2.76 -9.88
CA PHE A 57 49.00 -3.72 -10.97
C PHE A 57 49.01 -5.15 -10.44
N GLU A 58 48.22 -6.02 -11.06
CA GLU A 58 48.07 -7.41 -10.62
C GLU A 58 47.97 -8.35 -11.81
N SER A 59 48.70 -9.46 -11.74
CA SER A 59 48.70 -10.43 -12.83
C SER A 59 48.50 -11.86 -12.32
N HIS A 60 47.78 -12.65 -13.11
CA HIS A 60 47.59 -14.08 -12.84
C HIS A 60 47.78 -14.87 -14.13
N ALA A 61 48.42 -16.04 -14.01
CA ALA A 61 48.85 -16.81 -15.18
C ALA A 61 47.78 -17.71 -15.75
N LYS A 62 47.09 -18.46 -14.89
CA LYS A 62 46.22 -19.56 -15.33
C LYS A 62 44.74 -19.19 -15.36
N GLY A 63 44.05 -19.59 -16.43
CA GLY A 63 42.60 -19.53 -16.49
C GLY A 63 42.02 -20.48 -15.47
N GLY A 64 40.91 -20.09 -14.85
CA GLY A 64 40.28 -20.89 -13.80
C GLY A 64 40.74 -20.53 -12.40
N THR A 65 41.67 -19.57 -12.30
CA THR A 65 42.11 -19.04 -11.01
C THR A 65 41.02 -18.13 -10.44
N VAL A 66 40.70 -18.33 -9.16
CA VAL A 66 39.66 -17.58 -8.49
C VAL A 66 40.23 -16.32 -7.87
N LEU A 67 39.68 -15.18 -8.28
CA LEU A 67 40.10 -13.88 -7.75
C LEU A 67 39.54 -13.68 -6.33
N PHE A 68 38.23 -13.88 -6.18
CA PHE A 68 37.58 -13.92 -4.87
C PHE A 68 36.30 -14.73 -4.90
N ASN A 69 35.85 -15.19 -3.73
CA ASN A 69 34.65 -16.02 -3.62
C ASN A 69 33.40 -15.22 -3.29
N GLN A 70 32.26 -15.72 -3.75
CA GLN A 70 30.95 -15.23 -3.33
C GLN A 70 30.82 -15.45 -1.82
N GLY A 71 30.40 -14.40 -1.11
CA GLY A 71 30.23 -14.49 0.34
C GLY A 71 31.37 -13.87 1.15
N GLU A 72 32.56 -13.81 0.55
CA GLU A 72 33.71 -13.16 1.17
C GLU A 72 33.48 -11.66 1.36
N GLU A 73 34.18 -11.08 2.32
CA GLU A 73 34.14 -9.63 2.50
C GLU A 73 34.91 -8.96 1.37
N GLY A 74 34.38 -7.83 0.89
CA GLY A 74 35.02 -7.08 -0.19
C GLY A 74 36.21 -6.28 0.29
N THR A 75 37.29 -6.31 -0.50
CA THR A 75 38.50 -5.57 -0.17
C THR A 75 39.02 -4.70 -1.32
N SER A 76 38.62 -5.01 -2.55
CA SER A 76 39.21 -4.37 -3.73
C SER A 76 38.27 -4.14 -4.91
N TRP A 77 38.56 -3.07 -5.66
CA TRP A 77 37.88 -2.77 -6.92
C TRP A 77 38.84 -3.05 -8.07
N TYR A 78 38.33 -3.69 -9.13
CA TYR A 78 39.20 -4.16 -10.21
C TYR A 78 38.84 -3.56 -11.57
N ILE A 79 39.87 -3.33 -12.39
CA ILE A 79 39.71 -2.99 -13.81
C ILE A 79 40.52 -4.00 -14.63
N ILE A 80 39.93 -4.47 -15.73
CA ILE A 80 40.59 -5.46 -16.59
C ILE A 80 41.41 -4.79 -17.70
N LEU A 81 42.72 -5.05 -17.70
CA LEU A 81 43.61 -4.56 -18.75
C LEU A 81 43.79 -5.57 -19.87
N LYS A 82 43.97 -6.83 -19.49
CA LYS A 82 44.15 -7.92 -20.45
C LYS A 82 43.39 -9.16 -20.01
N GLY A 83 42.67 -9.77 -20.94
CA GLY A 83 41.96 -11.02 -20.68
C GLY A 83 40.47 -10.86 -20.42
N SER A 84 39.92 -11.82 -19.69
CA SER A 84 38.49 -11.83 -19.37
C SER A 84 38.22 -12.67 -18.14
N VAL A 85 37.10 -12.38 -17.47
CA VAL A 85 36.68 -13.15 -16.28
C VAL A 85 35.21 -13.57 -16.38
N ASN A 86 34.85 -14.60 -15.62
CA ASN A 86 33.46 -15.02 -15.48
C ASN A 86 32.88 -14.61 -14.14
N VAL A 87 31.62 -14.20 -14.17
CA VAL A 87 30.87 -13.95 -12.95
C VAL A 87 30.12 -15.23 -12.61
N VAL A 88 30.45 -15.83 -11.46
CA VAL A 88 29.88 -17.11 -11.07
C VAL A 88 29.05 -16.98 -9.79
N ILE A 89 27.79 -17.41 -9.89
CA ILE A 89 26.87 -17.44 -8.75
C ILE A 89 26.46 -18.88 -8.49
N TYR A 90 26.41 -19.26 -7.22
CA TYR A 90 26.05 -20.62 -6.81
C TYR A 90 24.62 -20.96 -7.21
N GLY A 91 24.44 -22.12 -7.84
CA GLY A 91 23.14 -22.56 -8.34
C GLY A 91 22.85 -22.09 -9.76
N LYS A 92 23.68 -21.19 -10.28
CA LYS A 92 23.52 -20.63 -11.62
C LYS A 92 24.73 -20.86 -12.52
N GLY A 93 25.92 -20.94 -11.92
CA GLY A 93 27.16 -21.07 -12.68
C GLY A 93 27.59 -19.74 -13.28
N VAL A 94 28.20 -19.79 -14.45
CA VAL A 94 28.66 -18.59 -15.15
C VAL A 94 27.44 -17.79 -15.63
N VAL A 95 27.30 -16.59 -15.07
CA VAL A 95 26.13 -15.76 -15.30
C VAL A 95 26.41 -14.61 -16.28
N CYS A 96 27.68 -14.23 -16.36
CA CYS A 96 28.12 -13.07 -17.13
C CYS A 96 29.63 -13.15 -17.36
N THR A 97 30.10 -12.59 -18.48
CA THR A 97 31.53 -12.53 -18.76
C THR A 97 31.97 -11.08 -18.96
N LEU A 98 33.07 -10.70 -18.32
CA LEU A 98 33.60 -9.35 -18.43
C LEU A 98 34.89 -9.32 -19.26
N HIS A 99 35.06 -8.26 -20.05
CA HIS A 99 36.18 -8.16 -20.98
C HIS A 99 37.11 -6.97 -20.68
N GLU A 100 38.10 -6.79 -21.57
CA GLU A 100 39.05 -5.67 -21.52
C GLU A 100 38.30 -4.33 -21.46
N GLY A 101 38.61 -3.54 -20.44
CA GLY A 101 37.98 -2.23 -20.26
C GLY A 101 36.93 -2.21 -19.16
N ASP A 102 36.33 -3.36 -18.88
CA ASP A 102 35.30 -3.49 -17.86
C ASP A 102 35.87 -3.49 -16.43
N ASP A 103 35.03 -3.11 -15.47
CA ASP A 103 35.41 -3.09 -14.06
C ASP A 103 34.41 -3.88 -13.20
N PHE A 104 34.80 -4.24 -11.98
CA PHE A 104 33.94 -4.99 -11.06
C PHE A 104 34.38 -4.92 -9.60
N GLY A 105 33.50 -5.37 -8.70
CA GLY A 105 33.82 -5.51 -7.28
C GLY A 105 33.55 -4.28 -6.44
N GLN A 106 32.71 -3.39 -6.96
CA GLN A 106 32.40 -2.11 -6.35
C GLN A 106 31.26 -2.25 -5.35
N LEU A 107 30.39 -3.21 -5.59
CA LEU A 107 29.16 -3.41 -4.83
C LEU A 107 29.43 -3.72 -3.35
N ALA A 108 30.36 -4.64 -3.09
CA ALA A 108 30.71 -5.01 -1.72
C ALA A 108 31.33 -3.85 -0.95
N LEU A 109 32.18 -3.08 -1.62
CA LEU A 109 32.89 -1.95 -1.01
C LEU A 109 31.94 -0.81 -0.60
N VAL A 110 31.05 -0.44 -1.53
CA VAL A 110 30.11 0.65 -1.30
C VAL A 110 29.06 0.28 -0.26
N ASN A 111 28.46 -0.90 -0.40
CA ASN A 111 27.35 -1.32 0.45
C ASN A 111 27.76 -2.01 1.75
N ASP A 112 29.06 -2.25 1.91
CA ASP A 112 29.59 -3.03 3.04
C ASP A 112 28.84 -4.36 3.16
N ALA A 113 28.80 -5.09 2.05
CA ALA A 113 28.09 -6.37 1.96
C ALA A 113 29.04 -7.46 1.48
N PRO A 114 28.70 -8.74 1.70
CA PRO A 114 29.53 -9.80 1.12
C PRO A 114 29.49 -9.80 -0.40
N ARG A 115 30.49 -10.39 -1.03
CA ARG A 115 30.56 -10.48 -2.48
C ARG A 115 29.32 -11.19 -3.03
N ALA A 116 28.63 -10.53 -3.96
CA ALA A 116 27.41 -11.07 -4.55
C ALA A 116 27.69 -12.20 -5.54
N ALA A 117 28.96 -12.38 -5.88
CA ALA A 117 29.38 -13.41 -6.84
C ALA A 117 30.88 -13.74 -6.74
N SER A 118 31.28 -14.83 -7.39
CA SER A 118 32.68 -15.18 -7.54
C SER A 118 33.21 -14.65 -8.87
N ILE A 119 34.48 -14.25 -8.87
CA ILE A 119 35.16 -13.83 -10.10
C ILE A 119 36.29 -14.81 -10.42
N VAL A 120 36.13 -15.50 -11.55
CA VAL A 120 37.06 -16.55 -11.98
C VAL A 120 37.64 -16.17 -13.33
N LEU A 121 38.95 -16.38 -13.49
CA LEU A 121 39.64 -16.12 -14.76
C LEU A 121 39.12 -17.04 -15.86
N ARG A 122 38.86 -16.46 -17.02
CA ARG A 122 38.29 -17.18 -18.15
C ARG A 122 39.38 -17.71 -19.08
N GLU A 123 40.48 -16.97 -19.16
CA GLU A 123 41.60 -17.32 -20.02
C GLU A 123 42.93 -17.16 -19.28
N ASP A 124 44.01 -17.59 -19.93
CA ASP A 124 45.36 -17.46 -19.37
C ASP A 124 45.89 -16.04 -19.47
N ASN A 125 46.73 -15.68 -18.51
CA ASN A 125 47.46 -14.40 -18.50
C ASN A 125 46.55 -13.15 -18.50
N CYS A 126 45.92 -12.91 -17.36
CA CYS A 126 45.04 -11.74 -17.20
C CYS A 126 45.69 -10.67 -16.33
N HIS A 127 45.66 -9.43 -16.82
CA HIS A 127 46.20 -8.29 -16.08
C HIS A 127 45.10 -7.38 -15.53
N PHE A 128 45.28 -6.93 -14.29
CA PHE A 128 44.28 -6.10 -13.61
C PHE A 128 44.88 -4.85 -12.98
N LEU A 129 44.05 -3.81 -12.86
CA LEU A 129 44.35 -2.67 -12.00
C LEU A 129 43.45 -2.76 -10.76
N ARG A 130 44.04 -2.52 -9.59
CA ARG A 130 43.34 -2.74 -8.32
C ARG A 130 43.41 -1.54 -7.39
N VAL A 131 42.30 -1.29 -6.69
CA VAL A 131 42.23 -0.26 -5.65
C VAL A 131 41.70 -0.90 -4.37
N ASP A 132 42.47 -0.82 -3.30
CA ASP A 132 42.07 -1.39 -2.01
C ASP A 132 41.01 -0.57 -1.29
N LYS A 133 40.49 -1.12 -0.19
CA LYS A 133 39.29 -0.63 0.49
C LYS A 133 39.34 0.83 0.95
N GLU A 134 40.29 1.16 1.83
CA GLU A 134 40.35 2.52 2.41
C GLU A 134 40.71 3.60 1.40
N ASP A 135 41.48 3.23 0.38
CA ASP A 135 41.79 4.12 -0.74
C ASP A 135 40.57 4.37 -1.61
N PHE A 136 39.76 3.33 -1.81
CA PHE A 136 38.51 3.41 -2.57
C PHE A 136 37.51 4.33 -1.88
N ASN A 137 37.43 4.22 -0.56
CA ASN A 137 36.46 4.97 0.22
C ASN A 137 36.69 6.48 0.23
N ARG A 138 37.95 6.89 0.29
CA ARG A 138 38.28 8.32 0.34
C ARG A 138 38.35 8.98 -1.05
N ILE A 139 38.56 8.18 -2.09
CA ILE A 139 38.71 8.70 -3.45
C ILE A 139 37.48 8.48 -4.33
N LEU A 140 37.02 7.22 -4.42
CA LEU A 140 36.03 6.83 -5.43
C LEU A 140 34.57 6.74 -4.97
N ARG A 141 34.35 6.32 -3.73
CA ARG A 141 33.01 6.03 -3.20
C ARG A 141 31.98 7.15 -3.42
N ASP A 142 32.39 8.40 -3.19
CA ASP A 142 31.50 9.55 -3.26
C ASP A 142 31.22 10.07 -4.67
N VAL A 143 31.89 9.51 -5.67
CA VAL A 143 31.84 10.08 -7.02
C VAL A 143 31.76 9.00 -8.11
N GLU A 144 31.76 7.74 -7.70
CA GLU A 144 31.82 6.59 -8.60
C GLU A 144 30.77 6.63 -9.72
N ALA A 145 29.51 6.39 -9.35
CA ALA A 145 28.38 6.35 -10.30
C ALA A 145 27.06 6.16 -9.56
N ASN A 146 25.97 6.62 -10.16
CA ASN A 146 24.66 6.53 -9.54
C ASN A 146 23.94 5.18 -9.75
N THR A 147 24.37 4.42 -10.75
CA THR A 147 23.66 3.20 -11.14
C THR A 147 24.58 1.99 -11.30
N VAL A 148 24.08 0.83 -10.84
CA VAL A 148 24.68 -0.46 -11.12
C VAL A 148 23.60 -1.40 -11.66
N ARG A 149 23.75 -1.79 -12.93
CA ARG A 149 22.83 -2.74 -13.56
C ARG A 149 23.47 -4.13 -13.63
N LEU A 150 22.86 -5.10 -12.97
CA LEU A 150 23.35 -6.47 -13.01
C LEU A 150 22.63 -7.29 -14.07
N LYS A 151 23.40 -7.91 -14.95
CA LYS A 151 22.87 -8.72 -16.05
C LYS A 151 23.19 -10.20 -15.86
N GLU A 152 22.26 -11.06 -16.28
CA GLU A 152 22.48 -12.50 -16.30
C GLU A 152 21.96 -13.07 -17.62
N HIS A 153 22.85 -13.76 -18.35
CA HIS A 153 22.58 -14.23 -19.71
C HIS A 153 22.11 -13.08 -20.61
N ASP A 154 22.84 -11.97 -20.54
CA ASP A 154 22.54 -10.72 -21.27
C ASP A 154 21.10 -10.23 -21.08
N GLN A 155 20.57 -10.43 -19.87
CA GLN A 155 19.22 -10.01 -19.53
C GLN A 155 19.25 -9.24 -18.22
N ASP A 156 18.64 -8.06 -18.21
CA ASP A 156 18.55 -7.23 -17.01
C ASP A 156 17.88 -7.96 -15.85
N VAL A 157 18.48 -7.86 -14.68
CA VAL A 157 18.14 -8.73 -13.56
C VAL A 157 18.04 -8.01 -12.20
N LEU A 158 18.85 -6.96 -12.02
CA LEU A 158 18.81 -6.13 -10.81
C LEU A 158 19.40 -4.73 -11.08
N VAL A 159 18.72 -3.71 -10.58
CA VAL A 159 19.18 -2.33 -10.71
C VAL A 159 19.31 -1.68 -9.32
N LEU A 160 20.51 -1.20 -9.01
CA LEU A 160 20.79 -0.59 -7.71
C LEU A 160 21.26 0.86 -7.86
N GLU A 161 20.69 1.75 -7.06
CA GLU A 161 20.93 3.18 -7.19
C GLU A 161 21.12 3.92 -5.87
N LYS A 162 21.76 5.08 -5.95
CA LYS A 162 21.94 5.99 -4.80
C LYS A 162 20.65 6.76 -4.56
N VAL A 163 20.15 6.72 -3.31
CA VAL A 163 18.93 7.45 -2.94
C VAL A 163 19.23 8.52 -1.89
N GLN A 179 26.67 6.89 1.28
CA GLN A 179 25.35 6.38 0.96
C GLN A 179 25.44 5.14 0.07
N LYS A 180 24.52 4.20 0.27
CA LYS A 180 24.58 2.88 -0.35
C LYS A 180 23.76 2.76 -1.63
N TYR A 181 24.03 1.70 -2.39
CA TYR A 181 23.18 1.32 -3.53
C TYR A 181 22.00 0.50 -3.02
N THR A 182 20.80 1.05 -3.17
CA THR A 182 19.57 0.33 -2.80
C THR A 182 18.88 -0.26 -4.02
N VAL A 183 18.17 -1.36 -3.82
CA VAL A 183 17.43 -2.03 -4.89
C VAL A 183 16.27 -1.16 -5.39
N MET A 184 16.30 -0.85 -6.69
CA MET A 184 15.24 -0.09 -7.34
C MET A 184 14.30 -1.01 -8.10
N SER A 185 14.87 -1.97 -8.83
CA SER A 185 14.11 -2.94 -9.61
C SER A 185 14.87 -4.26 -9.79
N GLY A 186 14.17 -5.28 -10.25
CA GLY A 186 14.77 -6.58 -10.51
C GLY A 186 13.76 -7.69 -10.69
N THR A 187 14.25 -8.88 -11.02
CA THR A 187 13.41 -10.07 -11.08
C THR A 187 13.15 -10.55 -9.66
N PRO A 188 12.01 -11.24 -9.42
CA PRO A 188 11.74 -11.75 -8.08
C PRO A 188 12.89 -12.59 -7.52
N GLU A 189 13.43 -13.48 -8.35
CA GLU A 189 14.53 -14.37 -7.95
C GLU A 189 15.78 -13.61 -7.53
N LYS A 190 16.13 -12.58 -8.29
CA LYS A 190 17.33 -11.79 -7.98
C LYS A 190 17.16 -10.91 -6.74
N ILE A 191 15.96 -10.34 -6.58
CA ILE A 191 15.63 -9.54 -5.40
C ILE A 191 15.71 -10.41 -4.14
N LEU A 192 15.14 -11.61 -4.21
CA LEU A 192 15.25 -12.58 -3.12
C LEU A 192 16.71 -12.93 -2.83
N GLU A 193 17.48 -13.24 -3.88
CA GLU A 193 18.90 -13.55 -3.76
C GLU A 193 19.65 -12.42 -3.04
N HIS A 194 19.38 -11.19 -3.45
CA HIS A 194 20.03 -10.01 -2.88
C HIS A 194 19.76 -9.86 -1.38
N PHE A 195 18.49 -9.96 -1.00
CA PHE A 195 18.11 -9.77 0.40
C PHE A 195 18.51 -10.94 1.29
N LEU A 196 18.69 -12.11 0.67
CA LEU A 196 19.23 -13.26 1.36
C LEU A 196 20.70 -13.02 1.69
N GLU A 197 21.46 -12.61 0.67
CA GLU A 197 22.91 -12.41 0.77
C GLU A 197 23.34 -11.35 1.79
N THR A 198 22.58 -10.27 1.90
CA THR A 198 22.99 -9.12 2.71
C THR A 198 22.50 -9.15 4.17
N ILE A 199 21.88 -10.25 4.58
CA ILE A 199 21.47 -10.44 5.97
C ILE A 199 22.70 -10.45 6.88
N ARG A 200 22.66 -9.64 7.94
CA ARG A 200 23.72 -9.64 8.94
C ARG A 200 23.29 -10.38 10.20
N LEU A 201 24.10 -11.38 10.58
CA LEU A 201 23.74 -12.31 11.65
C LEU A 201 24.18 -11.87 13.04
N GLU A 202 25.11 -10.92 13.10
CA GLU A 202 25.60 -10.34 14.35
C GLU A 202 24.43 -9.85 15.21
N PRO A 203 24.39 -10.25 16.51
CA PRO A 203 23.28 -9.94 17.41
C PRO A 203 23.02 -8.44 17.62
N SER A 204 24.06 -7.63 17.59
CA SER A 204 23.93 -6.17 17.73
C SER A 204 23.27 -5.52 16.51
N LEU A 205 23.20 -6.26 15.41
CA LEU A 205 22.56 -5.80 14.18
C LEU A 205 21.21 -6.49 13.93
N ASN A 206 20.57 -6.97 15.00
CA ASN A 206 19.28 -7.66 14.93
C ASN A 206 18.15 -6.84 14.29
N GLU A 207 17.91 -5.65 14.84
CA GLU A 207 16.82 -4.79 14.36
C GLU A 207 17.10 -4.20 12.97
N ALA A 208 18.37 -3.95 12.68
CA ALA A 208 18.79 -3.44 11.37
C ALA A 208 18.55 -4.48 10.27
N THR A 209 18.89 -5.74 10.57
CA THR A 209 18.67 -6.86 9.66
C THR A 209 17.18 -7.08 9.35
N ASP A 210 16.36 -7.09 10.39
CA ASP A 210 14.91 -7.28 10.26
C ASP A 210 14.25 -6.11 9.53
N SER A 211 14.77 -4.91 9.75
CA SER A 211 14.26 -3.71 9.11
C SER A 211 14.53 -3.72 7.61
N VAL A 212 15.72 -4.16 7.23
CA VAL A 212 16.14 -4.26 5.82
C VAL A 212 15.32 -5.30 5.06
N LEU A 213 15.01 -6.42 5.71
CA LEU A 213 14.24 -7.50 5.10
C LEU A 213 12.75 -7.20 4.98
N ASN A 214 12.27 -6.24 5.78
CA ASN A 214 10.84 -6.05 5.98
C ASN A 214 10.03 -5.77 4.71
N ASP A 215 10.58 -4.97 3.80
CA ASP A 215 9.92 -4.64 2.54
C ASP A 215 9.65 -5.89 1.70
N PHE A 216 10.67 -6.73 1.54
CA PHE A 216 10.51 -7.98 0.78
C PHE A 216 9.52 -8.92 1.46
N VAL A 217 9.73 -9.15 2.76
CA VAL A 217 8.90 -10.07 3.55
C VAL A 217 7.42 -9.68 3.51
N MET A 218 7.14 -8.39 3.55
CA MET A 218 5.77 -7.89 3.46
C MET A 218 5.21 -7.92 2.04
N MET A 219 6.02 -7.50 1.08
CA MET A 219 5.53 -7.23 -0.28
C MET A 219 5.64 -8.38 -1.28
N HIS A 220 6.29 -9.47 -0.89
CA HIS A 220 6.52 -10.60 -1.81
C HIS A 220 5.23 -11.18 -2.42
N CYS A 221 4.11 -11.08 -1.70
CA CYS A 221 2.83 -11.61 -2.17
C CYS A 221 2.37 -10.98 -3.49
N VAL A 222 2.92 -9.81 -3.81
CA VAL A 222 2.57 -9.10 -5.04
C VAL A 222 3.35 -9.60 -6.27
N PHE A 223 4.61 -9.97 -6.07
CA PHE A 223 5.49 -10.31 -7.19
C PHE A 223 6.13 -11.70 -7.12
N MET A 224 6.11 -12.30 -5.93
CA MET A 224 6.64 -13.66 -5.74
C MET A 224 5.85 -14.41 -4.67
N PRO A 225 4.65 -14.91 -5.02
CA PRO A 225 3.82 -15.64 -4.05
C PRO A 225 4.52 -16.89 -3.50
N ASN A 226 4.03 -17.38 -2.37
CA ASN A 226 4.61 -18.55 -1.68
C ASN A 226 4.86 -19.76 -2.57
N THR A 227 4.02 -19.91 -3.60
CA THR A 227 4.16 -20.99 -4.59
C THR A 227 5.53 -20.97 -5.28
N GLN A 228 6.09 -19.77 -5.44
CA GLN A 228 7.42 -19.61 -6.04
C GLN A 228 8.51 -19.43 -4.98
N LEU A 229 8.17 -18.71 -3.90
CA LEU A 229 9.14 -18.36 -2.87
C LEU A 229 9.66 -19.55 -2.09
N CYS A 230 8.76 -20.44 -1.68
CA CYS A 230 9.12 -21.59 -0.85
C CYS A 230 10.10 -22.56 -1.55
N PRO A 231 9.82 -22.96 -2.81
CA PRO A 231 10.80 -23.80 -3.53
C PRO A 231 12.14 -23.09 -3.74
N ALA A 232 12.10 -21.77 -3.94
CA ALA A 232 13.32 -20.98 -4.08
C ALA A 232 14.09 -20.94 -2.77
N LEU A 233 13.37 -20.89 -1.65
CA LEU A 233 13.98 -20.94 -0.32
C LEU A 233 14.67 -22.28 -0.05
N VAL A 234 13.97 -23.37 -0.36
CA VAL A 234 14.51 -24.73 -0.24
C VAL A 234 15.80 -24.89 -1.04
N ALA A 235 15.76 -24.45 -2.30
CA ALA A 235 16.91 -24.52 -3.20
C ALA A 235 18.11 -23.71 -2.70
N HIS A 236 17.85 -22.52 -2.18
CA HIS A 236 18.90 -21.67 -1.61
C HIS A 236 19.55 -22.32 -0.39
N TYR A 237 18.73 -22.97 0.44
CA TYR A 237 19.19 -23.61 1.66
C TYR A 237 20.19 -24.75 1.38
N HIS A 238 19.97 -25.47 0.28
CA HIS A 238 20.82 -26.62 -0.07
C HIS A 238 21.88 -26.30 -1.13
N ALA A 239 22.00 -25.03 -1.51
CA ALA A 239 22.97 -24.62 -2.54
C ALA A 239 24.39 -24.57 -1.98
N GLN A 240 25.20 -25.54 -2.37
CA GLN A 240 26.59 -25.61 -1.92
C GLN A 240 27.51 -24.76 -2.80
N PRO A 241 28.61 -24.25 -2.23
CA PRO A 241 29.59 -23.43 -2.97
C PRO A 241 30.43 -24.25 -3.95
N SER A 242 30.81 -23.61 -5.06
CA SER A 242 31.58 -24.25 -6.12
C SER A 242 33.07 -23.88 -6.08
N GLN A 243 33.42 -22.95 -5.20
CA GLN A 243 34.79 -22.45 -5.12
C GLN A 243 35.30 -22.38 -3.68
N GLY A 244 36.62 -22.57 -3.52
CA GLY A 244 37.28 -22.47 -2.22
C GLY A 244 37.69 -23.79 -1.62
N THR A 245 38.54 -23.71 -0.58
CA THR A 245 39.00 -24.88 0.18
C THR A 245 37.86 -25.55 0.94
N GLU A 246 38.10 -26.76 1.45
CA GLU A 246 37.06 -27.52 2.16
C GLU A 246 36.49 -26.75 3.35
N GLN A 247 37.37 -26.07 4.09
CA GLN A 247 36.95 -25.27 5.24
C GLN A 247 36.18 -24.02 4.83
N GLU A 248 36.69 -23.30 3.83
CA GLU A 248 36.01 -22.13 3.28
C GLU A 248 34.59 -22.47 2.82
N ARG A 249 34.44 -23.64 2.18
CA ARG A 249 33.16 -24.10 1.64
C ARG A 249 32.17 -24.48 2.73
N MET A 250 32.65 -25.19 3.75
CA MET A 250 31.81 -25.58 4.88
C MET A 250 31.35 -24.36 5.69
N ASP A 251 32.24 -23.38 5.81
CA ASP A 251 31.93 -22.12 6.51
C ASP A 251 30.88 -21.31 5.77
N TYR A 252 30.98 -21.24 4.45
CA TYR A 252 30.01 -20.51 3.65
C TYR A 252 28.62 -21.13 3.71
N ALA A 253 28.56 -22.44 3.50
CA ALA A 253 27.29 -23.19 3.48
C ALA A 253 26.55 -23.07 4.81
N LEU A 254 27.31 -23.09 5.90
CA LEU A 254 26.77 -22.92 7.25
C LEU A 254 26.11 -21.54 7.41
N ASN A 255 26.83 -20.50 6.99
CA ASN A 255 26.33 -19.13 7.05
C ASN A 255 25.18 -18.88 6.08
N ASN A 256 25.23 -19.56 4.93
CA ASN A 256 24.13 -19.54 3.97
C ASN A 256 22.86 -20.06 4.61
N LYS A 257 22.97 -21.24 5.24
CA LYS A 257 21.85 -21.87 5.93
C LYS A 257 21.30 -20.98 7.05
N ARG A 258 22.20 -20.34 7.79
CA ARG A 258 21.82 -19.40 8.85
C ARG A 258 20.96 -18.24 8.35
N ARG A 259 21.34 -17.66 7.20
CA ARG A 259 20.61 -16.54 6.60
C ARG A 259 19.24 -16.94 6.07
N VAL A 260 19.16 -18.12 5.46
CA VAL A 260 17.88 -18.66 4.97
C VAL A 260 16.91 -18.82 6.15
N ILE A 261 17.37 -19.43 7.24
CA ILE A 261 16.57 -19.57 8.46
C ILE A 261 16.08 -18.20 8.96
N ARG A 262 16.99 -17.22 8.99
CA ARG A 262 16.65 -15.85 9.38
C ARG A 262 15.52 -15.27 8.55
N LEU A 263 15.62 -15.42 7.23
CA LEU A 263 14.58 -14.95 6.31
C LEU A 263 13.26 -15.69 6.55
N VAL A 264 13.35 -17.00 6.74
CA VAL A 264 12.18 -17.84 7.01
C VAL A 264 11.46 -17.41 8.29
N LEU A 265 12.24 -17.10 9.33
CA LEU A 265 11.69 -16.64 10.60
C LEU A 265 10.96 -15.31 10.47
N GLN A 266 11.56 -14.36 9.74
CA GLN A 266 10.95 -13.07 9.47
C GLN A 266 9.71 -13.21 8.57
N TRP A 267 9.77 -14.14 7.63
CA TRP A 267 8.66 -14.46 6.75
C TRP A 267 7.47 -15.03 7.55
N ALA A 268 7.76 -16.00 8.42
CA ALA A 268 6.74 -16.62 9.28
C ALA A 268 6.11 -15.64 10.26
N ALA A 269 6.93 -14.74 10.83
CA ALA A 269 6.44 -13.74 11.78
C ALA A 269 5.44 -12.78 11.16
N MET A 270 5.69 -12.39 9.91
CA MET A 270 4.80 -11.51 9.16
C MET A 270 3.40 -12.10 9.04
N TYR A 271 3.32 -13.40 8.78
CA TYR A 271 2.03 -14.08 8.60
C TYR A 271 1.31 -14.35 9.92
N GLY A 272 2.07 -14.83 10.91
CA GLY A 272 1.51 -15.21 12.20
C GLY A 272 0.54 -16.37 12.07
N ASP A 273 -0.73 -16.09 12.35
CA ASP A 273 -1.79 -17.10 12.26
C ASP A 273 -2.30 -17.30 10.82
N LEU A 274 -1.93 -16.38 9.92
CA LEU A 274 -2.35 -16.43 8.52
C LEU A 274 -1.75 -17.60 7.72
N LEU A 275 -0.71 -18.24 8.28
CA LEU A 275 -0.11 -19.42 7.68
C LEU A 275 -1.10 -20.57 7.51
N GLN A 276 -2.08 -20.64 8.42
CA GLN A 276 -3.13 -21.65 8.39
C GLN A 276 -4.01 -21.59 7.14
N GLU A 277 -3.93 -20.47 6.41
CA GLU A 277 -4.69 -20.27 5.17
C GLU A 277 -3.89 -20.74 3.95
N ASP A 278 -2.66 -21.18 4.18
CA ASP A 278 -1.75 -21.50 3.10
C ASP A 278 -1.15 -22.89 3.30
N ASP A 279 -1.65 -23.86 2.53
CA ASP A 279 -1.19 -25.25 2.62
C ASP A 279 0.25 -25.41 2.17
N VAL A 280 0.62 -24.70 1.10
CA VAL A 280 1.97 -24.72 0.56
C VAL A 280 2.99 -24.16 1.55
N ALA A 281 2.64 -23.04 2.20
CA ALA A 281 3.50 -22.40 3.18
C ALA A 281 3.69 -23.26 4.43
N MET A 282 2.62 -23.93 4.87
CA MET A 282 2.66 -24.81 6.04
C MET A 282 3.43 -26.10 5.76
N ALA A 283 3.21 -26.67 4.57
CA ALA A 283 3.95 -27.85 4.14
C ALA A 283 5.45 -27.54 4.05
N PHE A 284 5.78 -26.36 3.53
CA PHE A 284 7.15 -25.88 3.46
C PHE A 284 7.81 -25.80 4.84
N LEU A 285 7.15 -25.13 5.77
CA LEU A 285 7.65 -24.96 7.14
C LEU A 285 7.87 -26.30 7.85
N GLU A 286 6.93 -27.21 7.63
CA GLU A 286 6.97 -28.56 8.22
C GLU A 286 8.25 -29.28 7.79
N GLU A 287 8.51 -29.29 6.49
CA GLU A 287 9.67 -29.97 5.94
C GLU A 287 10.96 -29.20 6.20
N PHE A 288 10.85 -27.87 6.25
CA PHE A 288 12.00 -27.01 6.53
C PHE A 288 12.50 -27.19 7.96
N TYR A 289 11.58 -27.36 8.90
CA TYR A 289 11.91 -27.58 10.31
C TYR A 289 12.63 -28.91 10.51
N VAL A 290 12.20 -29.95 9.79
CA VAL A 290 12.85 -31.25 9.84
C VAL A 290 14.27 -31.16 9.28
N SER A 291 14.41 -30.51 8.12
CA SER A 291 15.71 -30.29 7.49
C SER A 291 16.70 -29.58 8.42
N VAL A 292 16.25 -28.50 9.05
CA VAL A 292 17.08 -27.71 9.95
C VAL A 292 17.47 -28.51 11.20
N SER A 293 16.51 -29.19 11.81
CA SER A 293 16.77 -30.01 13.00
C SER A 293 17.68 -31.21 12.73
N ASP A 294 17.56 -31.80 11.54
CA ASP A 294 18.47 -32.87 11.10
C ASP A 294 19.90 -32.34 10.90
N ASP A 295 20.00 -31.14 10.33
CA ASP A 295 21.29 -30.48 10.15
C ASP A 295 21.88 -30.00 11.46
N ALA A 296 21.01 -29.61 12.40
CA ALA A 296 21.42 -29.15 13.73
C ALA A 296 22.11 -30.28 14.50
N ARG A 297 21.46 -31.44 14.56
CA ARG A 297 22.01 -32.66 15.17
C ARG A 297 23.37 -33.04 14.58
N MET A 298 23.47 -32.96 13.26
CA MET A 298 24.61 -33.45 12.51
C MET A 298 25.82 -32.52 12.55
N MET A 299 25.58 -31.21 12.53
CA MET A 299 26.64 -30.21 12.40
C MET A 299 26.90 -29.44 13.69
N ALA A 300 26.09 -29.70 14.73
CA ALA A 300 26.12 -28.98 16.01
C ALA A 300 26.00 -27.47 15.80
N ALA A 301 24.89 -27.07 15.19
CA ALA A 301 24.66 -25.67 14.83
C ALA A 301 23.19 -25.28 14.98
N PHE A 302 22.90 -24.01 14.73
CA PHE A 302 21.55 -23.43 14.84
C PHE A 302 20.97 -23.57 16.24
N LYS A 303 21.83 -23.38 17.25
CA LYS A 303 21.46 -23.58 18.65
C LYS A 303 20.45 -22.55 19.15
N GLU A 304 20.55 -21.32 18.64
CA GLU A 304 19.62 -20.25 18.97
C GLU A 304 18.38 -20.26 18.09
N GLN A 305 18.57 -20.55 16.80
CA GLN A 305 17.50 -20.42 15.80
C GLN A 305 16.53 -21.59 15.74
N LEU A 306 16.97 -22.76 16.20
CA LEU A 306 16.15 -23.99 16.16
C LEU A 306 14.91 -23.95 17.08
N PRO A 307 15.07 -23.51 18.34
CA PRO A 307 13.89 -23.41 19.22
C PRO A 307 12.89 -22.34 18.76
N GLU A 308 13.37 -21.29 18.10
CA GLU A 308 12.51 -20.25 17.53
C GLU A 308 11.64 -20.84 16.42
N LEU A 309 12.23 -21.71 15.61
CA LEU A 309 11.55 -22.39 14.53
C LEU A 309 10.57 -23.46 15.06
N GLU A 310 10.91 -24.03 16.21
CA GLU A 310 10.08 -25.05 16.87
C GLU A 310 8.76 -24.47 17.38
N LYS A 311 8.81 -23.27 17.94
CA LYS A 311 7.62 -22.57 18.45
C LYS A 311 6.52 -22.42 17.40
N ILE A 312 6.92 -21.99 16.20
CA ILE A 312 6.00 -21.75 15.08
C ILE A 312 5.30 -23.04 14.64
N VAL A 313 6.05 -24.14 14.57
CA VAL A 313 5.53 -25.43 14.11
C VAL A 313 4.55 -26.07 15.11
N ARG A 344 -13.17 -9.22 20.83
CA ARG A 344 -13.25 -9.67 19.44
C ARG A 344 -11.93 -10.30 18.97
N GLN A 345 -12.05 -11.48 18.37
CA GLN A 345 -10.91 -12.18 17.77
C GLN A 345 -10.88 -12.01 16.25
N PRO A 346 -9.68 -12.04 15.65
CA PRO A 346 -9.55 -11.88 14.18
C PRO A 346 -10.32 -12.94 13.40
N ILE A 347 -11.03 -12.50 12.36
CA ILE A 347 -11.73 -13.42 11.47
C ILE A 347 -10.75 -14.00 10.46
N ARG A 348 -10.83 -15.32 10.24
CA ARG A 348 -9.98 -15.99 9.26
C ARG A 348 -10.76 -16.28 7.99
N GLY A 349 -10.04 -16.43 6.88
CA GLY A 349 -10.66 -16.79 5.59
C GLY A 349 -11.26 -18.18 5.60
N SER A 350 -10.67 -19.07 6.39
CA SER A 350 -11.13 -20.47 6.51
C SER A 350 -12.35 -20.63 7.42
N ASP A 351 -12.61 -19.63 8.27
CA ASP A 351 -13.81 -19.62 9.13
C ASP A 351 -15.08 -19.76 8.30
N GLU A 352 -16.11 -20.34 8.91
CA GLU A 352 -17.38 -20.54 8.23
C GLU A 352 -18.47 -19.61 8.72
N VAL A 353 -19.20 -19.02 7.78
CA VAL A 353 -20.29 -18.10 8.08
C VAL A 353 -21.65 -18.64 7.67
N LEU A 354 -22.65 -18.41 8.52
CA LEU A 354 -24.04 -18.59 8.17
C LEU A 354 -24.51 -17.25 7.60
N PHE A 355 -24.69 -17.21 6.28
CA PHE A 355 -25.10 -15.97 5.63
C PHE A 355 -26.41 -16.10 4.86
N LYS A 356 -27.24 -15.07 4.95
CA LYS A 356 -28.55 -15.05 4.31
C LYS A 356 -28.49 -14.37 2.94
N VAL A 357 -28.91 -15.11 1.92
CA VAL A 357 -29.00 -14.57 0.56
C VAL A 357 -30.47 -14.53 0.17
N TYR A 358 -30.94 -13.34 -0.19
CA TYR A 358 -32.38 -13.11 -0.36
C TYR A 358 -32.89 -13.31 -1.79
N CYS A 359 -34.12 -13.81 -1.88
CA CYS A 359 -34.85 -13.92 -3.14
C CYS A 359 -35.63 -12.62 -3.37
N ILE A 360 -36.12 -12.42 -4.59
CA ILE A 360 -36.89 -11.21 -4.93
C ILE A 360 -38.13 -11.03 -4.04
N ASP A 361 -38.80 -12.13 -3.70
CA ASP A 361 -39.98 -12.09 -2.84
C ASP A 361 -39.66 -11.95 -1.35
N HIS A 362 -38.38 -11.67 -1.07
CA HIS A 362 -37.85 -11.40 0.28
C HIS A 362 -37.73 -12.61 1.21
N THR A 363 -37.89 -13.81 0.64
CA THR A 363 -37.49 -15.04 1.35
C THR A 363 -35.98 -15.19 1.17
N TYR A 364 -35.37 -16.03 2.01
CA TYR A 364 -33.91 -16.18 1.97
C TYR A 364 -33.44 -17.62 2.16
N THR A 365 -32.22 -17.87 1.67
CA THR A 365 -31.51 -19.12 1.93
C THR A 365 -30.34 -18.82 2.86
N THR A 366 -30.08 -19.75 3.80
CA THR A 366 -28.92 -19.65 4.66
C THR A 366 -27.85 -20.62 4.16
N ILE A 367 -26.73 -20.06 3.70
CA ILE A 367 -25.63 -20.86 3.17
C ILE A 367 -24.48 -20.98 4.17
N ARG A 368 -23.84 -22.14 4.19
CA ARG A 368 -22.65 -22.38 5.01
C ARG A 368 -21.42 -22.47 4.11
N VAL A 369 -20.64 -21.39 4.10
CA VAL A 369 -19.46 -21.27 3.24
C VAL A 369 -18.30 -20.63 4.01
N PRO A 370 -17.06 -20.80 3.50
CA PRO A 370 -15.93 -20.09 4.10
C PRO A 370 -16.05 -18.58 3.93
N VAL A 371 -15.42 -17.82 4.83
CA VAL A 371 -15.40 -16.36 4.76
C VAL A 371 -14.78 -15.87 3.46
N ALA A 372 -13.75 -16.58 2.98
CA ALA A 372 -13.02 -16.20 1.77
C ALA A 372 -13.64 -16.76 0.49
N ALA A 373 -14.87 -17.22 0.57
CA ALA A 373 -15.58 -17.79 -0.58
C ALA A 373 -15.74 -16.78 -1.71
N SER A 374 -15.62 -17.26 -2.95
CA SER A 374 -15.85 -16.44 -4.12
C SER A 374 -17.35 -16.33 -4.38
N VAL A 375 -17.75 -15.35 -5.18
CA VAL A 375 -19.14 -15.18 -5.61
C VAL A 375 -19.62 -16.44 -6.33
N LYS A 376 -18.75 -17.02 -7.15
CA LYS A 376 -19.02 -18.28 -7.85
C LYS A 376 -19.38 -19.40 -6.87
N GLU A 377 -18.64 -19.46 -5.76
CA GLU A 377 -18.89 -20.45 -4.70
C GLU A 377 -20.19 -20.16 -3.95
N VAL A 378 -20.52 -18.88 -3.82
CA VAL A 378 -21.77 -18.43 -3.19
C VAL A 378 -22.97 -18.85 -4.05
N ILE A 379 -22.91 -18.53 -5.34
CA ILE A 379 -23.94 -18.92 -6.30
C ILE A 379 -24.20 -20.43 -6.23
N SER A 380 -23.11 -21.20 -6.26
CA SER A 380 -23.18 -22.65 -6.18
C SER A 380 -23.88 -23.15 -4.91
N ALA A 381 -23.59 -22.50 -3.77
CA ALA A 381 -24.19 -22.84 -2.50
C ALA A 381 -25.67 -22.51 -2.42
N VAL A 382 -26.06 -21.42 -3.08
CA VAL A 382 -27.47 -21.01 -3.17
C VAL A 382 -28.22 -21.99 -4.09
N ALA A 383 -27.64 -22.26 -5.25
CA ALA A 383 -28.21 -23.18 -6.24
C ALA A 383 -28.41 -24.58 -5.67
N ASP A 384 -27.50 -25.01 -4.80
CA ASP A 384 -27.57 -26.32 -4.15
C ASP A 384 -28.79 -26.46 -3.22
N LYS A 385 -29.21 -25.34 -2.64
CA LYS A 385 -30.33 -25.32 -1.69
C LYS A 385 -31.69 -25.10 -2.37
N LEU A 386 -31.70 -24.30 -3.44
CA LEU A 386 -32.92 -23.99 -4.18
C LEU A 386 -33.14 -24.96 -5.35
N GLY A 387 -32.10 -25.73 -5.69
CA GLY A 387 -32.15 -26.64 -6.83
C GLY A 387 -32.22 -25.88 -8.13
N SER A 388 -31.16 -25.14 -8.45
CA SER A 388 -31.20 -24.19 -9.56
C SER A 388 -30.40 -24.61 -10.80
N GLY A 389 -30.82 -24.03 -11.93
CA GLY A 389 -30.11 -24.09 -13.21
C GLY A 389 -30.64 -22.96 -14.07
N GLU A 390 -30.92 -21.82 -13.41
CA GLU A 390 -31.60 -20.68 -14.04
C GLU A 390 -30.73 -19.43 -14.17
N GLY A 391 -29.42 -19.60 -14.00
CA GLY A 391 -28.45 -18.52 -14.22
C GLY A 391 -28.54 -17.38 -13.22
N LEU A 392 -28.26 -17.69 -11.96
CA LEU A 392 -28.30 -16.71 -10.88
C LEU A 392 -27.12 -15.74 -10.92
N ILE A 393 -27.35 -14.51 -10.47
CA ILE A 393 -26.29 -13.54 -10.24
C ILE A 393 -26.40 -12.96 -8.84
N ILE A 394 -25.27 -12.53 -8.28
CA ILE A 394 -25.23 -11.95 -6.94
C ILE A 394 -25.21 -10.42 -7.01
N VAL A 395 -26.09 -9.79 -6.24
CA VAL A 395 -26.23 -8.33 -6.26
C VAL A 395 -26.41 -7.74 -4.86
N LYS A 396 -25.55 -6.77 -4.53
CA LYS A 396 -25.65 -6.00 -3.29
C LYS A 396 -26.73 -4.93 -3.44
N MET A 397 -27.50 -4.72 -2.39
CA MET A 397 -28.48 -3.63 -2.39
C MET A 397 -28.43 -2.79 -1.11
N ASN A 398 -28.41 -1.48 -1.32
CA ASN A 398 -28.49 -0.48 -0.25
C ASN A 398 -29.88 -0.41 0.37
N SER A 399 -29.95 0.28 1.51
CA SER A 399 -31.21 0.72 2.08
C SER A 399 -31.91 1.71 1.15
N GLY A 400 -31.11 2.42 0.36
CA GLY A 400 -31.62 3.40 -0.61
C GLY A 400 -32.08 2.79 -1.93
N GLY A 401 -31.90 1.48 -2.08
CA GLY A 401 -32.38 0.76 -3.26
C GLY A 401 -31.39 0.60 -4.41
N GLU A 402 -30.22 1.23 -4.30
CA GLU A 402 -29.23 1.14 -5.37
C GLU A 402 -28.44 -0.18 -5.34
N LYS A 403 -28.24 -0.76 -6.51
CA LYS A 403 -27.80 -2.14 -6.66
C LYS A 403 -26.50 -2.27 -7.44
N VAL A 404 -25.64 -3.19 -7.00
CA VAL A 404 -24.39 -3.50 -7.68
C VAL A 404 -24.32 -5.00 -7.98
N VAL A 405 -24.11 -5.34 -9.24
CA VAL A 405 -23.88 -6.73 -9.65
C VAL A 405 -22.43 -7.12 -9.40
N LEU A 406 -22.23 -8.22 -8.68
CA LEU A 406 -20.90 -8.73 -8.37
C LEU A 406 -20.45 -9.77 -9.40
N LYS A 407 -19.16 -9.76 -9.73
CA LYS A 407 -18.58 -10.73 -10.65
C LYS A 407 -18.29 -12.04 -9.92
N SER A 408 -18.37 -13.17 -10.65
CA SER A 408 -18.01 -14.49 -10.11
C SER A 408 -16.61 -14.46 -9.51
N ASN A 409 -15.79 -13.56 -10.04
CA ASN A 409 -14.41 -13.36 -9.65
C ASN A 409 -14.20 -12.89 -8.21
N ASP A 410 -15.15 -12.10 -7.71
CA ASP A 410 -15.03 -11.43 -6.40
C ASP A 410 -14.99 -12.40 -5.22
N VAL A 411 -14.09 -12.13 -4.28
CA VAL A 411 -13.91 -12.98 -3.10
C VAL A 411 -14.26 -12.24 -1.80
N SER A 412 -14.81 -12.99 -0.84
CA SER A 412 -15.10 -12.48 0.50
C SER A 412 -15.92 -11.16 0.48
N VAL A 413 -17.09 -11.22 -0.14
CA VAL A 413 -17.93 -10.03 -0.32
C VAL A 413 -18.86 -9.72 0.87
N PHE A 414 -19.03 -10.70 1.75
CA PHE A 414 -19.96 -10.58 2.89
C PHE A 414 -19.76 -9.33 3.72
N THR A 415 -18.50 -8.96 3.94
CA THR A 415 -18.17 -7.82 4.80
C THR A 415 -17.95 -6.53 4.02
N THR A 416 -18.15 -6.57 2.70
CA THR A 416 -18.01 -5.37 1.87
C THR A 416 -19.34 -4.62 1.71
N LEU A 417 -20.40 -5.18 2.31
CA LEU A 417 -21.73 -4.57 2.29
C LEU A 417 -21.77 -3.27 3.09
N THR A 418 -22.70 -2.39 2.72
CA THR A 418 -22.99 -1.20 3.52
C THR A 418 -23.62 -1.64 4.85
N ILE A 419 -23.68 -0.72 5.82
CA ILE A 419 -24.21 -1.01 7.16
C ILE A 419 -25.51 -1.81 7.12
N ASN A 420 -26.44 -1.37 6.27
CA ASN A 420 -27.74 -2.03 6.14
C ASN A 420 -27.92 -2.75 4.80
N GLY A 421 -26.80 -3.04 4.13
CA GLY A 421 -26.81 -3.74 2.85
C GLY A 421 -27.24 -5.20 2.96
N ARG A 422 -27.82 -5.71 1.89
CA ARG A 422 -28.20 -7.13 1.82
C ARG A 422 -27.74 -7.76 0.51
N LEU A 423 -27.59 -9.07 0.52
CA LEU A 423 -27.12 -9.82 -0.64
C LEU A 423 -28.28 -10.58 -1.27
N PHE A 424 -28.39 -10.48 -2.58
CA PHE A 424 -29.51 -11.08 -3.33
C PHE A 424 -29.02 -12.03 -4.42
N ALA A 425 -29.77 -13.11 -4.64
CA ALA A 425 -29.52 -14.01 -5.76
C ALA A 425 -30.75 -14.05 -6.66
N CYS A 426 -30.55 -13.71 -7.93
CA CYS A 426 -31.65 -13.63 -8.88
C CYS A 426 -31.17 -13.80 -10.32
N PRO A 427 -32.08 -14.21 -11.24
CA PRO A 427 -31.77 -14.14 -12.66
C PRO A 427 -31.68 -12.68 -13.12
N ARG A 428 -30.94 -12.42 -14.19
CA ARG A 428 -30.65 -11.06 -14.65
C ARG A 428 -31.87 -10.20 -14.96
N GLU A 429 -32.98 -10.83 -15.34
CA GLU A 429 -34.19 -10.09 -15.70
C GLU A 429 -34.93 -9.53 -14.47
N GLN A 430 -34.54 -10.00 -13.29
CA GLN A 430 -35.13 -9.54 -12.04
C GLN A 430 -34.40 -8.33 -11.45
N PHE A 431 -33.19 -8.07 -11.95
CA PHE A 431 -32.32 -7.01 -11.40
C PHE A 431 -33.03 -5.69 -11.08
N ASP A 432 -33.79 -5.18 -12.04
CA ASP A 432 -34.44 -3.86 -11.93
C ASP A 432 -35.69 -3.86 -11.05
N SER A 433 -36.24 -5.03 -10.79
CA SER A 433 -37.47 -5.16 -10.00
C SER A 433 -37.22 -5.41 -8.52
N LEU A 434 -35.95 -5.62 -8.16
CA LEU A 434 -35.57 -5.81 -6.76
C LEU A 434 -35.87 -4.57 -5.94
N THR A 435 -36.30 -4.79 -4.70
CA THR A 435 -36.67 -3.70 -3.80
C THR A 435 -36.16 -4.03 -2.38
N PRO A 436 -35.72 -3.01 -1.63
CA PRO A 436 -35.11 -3.24 -0.31
C PRO A 436 -36.06 -3.84 0.73
N LEU A 437 -35.47 -4.47 1.74
CA LEU A 437 -36.21 -5.04 2.88
C LEU A 437 -36.48 -3.98 3.94
N PRO A 438 -37.60 -4.11 4.68
CA PRO A 438 -37.88 -3.22 5.82
C PRO A 438 -36.74 -3.17 6.85
N GLU A 439 -36.09 -4.31 7.07
CA GLU A 439 -34.96 -4.43 8.00
C GLU A 439 -33.82 -3.48 7.67
N GLN A 440 -33.69 -3.13 6.40
CA GLN A 440 -32.62 -2.26 5.91
C GLN A 440 -32.85 -0.78 6.22
N GLU A 441 -34.09 -0.42 6.54
CA GLU A 441 -34.46 1.00 6.63
C GLU A 441 -34.19 1.67 7.99
N GLY A 442 -33.63 0.93 8.94
CA GLY A 442 -33.21 1.49 10.22
C GLY A 442 -34.34 1.71 11.23
N PRO A 443 -33.99 2.16 12.45
CA PRO A 443 -34.99 2.35 13.51
C PRO A 443 -35.87 3.57 13.28
N THR A 444 -37.04 3.58 13.92
CA THR A 444 -37.98 4.70 13.79
C THR A 444 -38.17 5.45 15.11
N THR A 445 -37.57 4.94 16.19
CA THR A 445 -37.54 5.66 17.47
C THR A 445 -36.11 5.73 18.02
N GLY A 446 -35.77 6.88 18.60
CA GLY A 446 -34.43 7.12 19.10
C GLY A 446 -34.07 6.34 20.36
N THR A 447 -32.82 6.49 20.80
CA THR A 447 -32.35 5.82 22.01
C THR A 447 -31.67 6.80 22.96
N VAL A 448 -32.07 8.07 22.89
CA VAL A 448 -31.55 9.12 23.77
C VAL A 448 -31.77 8.76 25.24
N GLY A 449 -32.99 8.31 25.56
CA GLY A 449 -33.34 7.89 26.93
C GLY A 449 -32.42 6.84 27.55
N THR A 450 -31.54 6.26 26.73
CA THR A 450 -30.55 5.30 27.21
C THR A 450 -29.15 5.93 27.35
N PHE A 451 -28.61 6.44 26.26
CA PHE A 451 -27.23 6.94 26.27
C PHE A 451 -27.07 8.36 26.84
N GLU A 452 -28.18 9.08 26.96
CA GLU A 452 -28.18 10.40 27.61
C GLU A 452 -27.88 10.26 29.10
N LEU A 453 -28.27 9.11 29.66
CA LEU A 453 -28.01 8.75 31.06
C LEU A 453 -26.55 8.32 31.27
N MET A 454 -25.79 8.24 30.18
CA MET A 454 -24.39 7.82 30.23
C MET A 454 -23.47 9.03 30.03
N SER A 455 -22.31 8.99 30.67
CA SER A 455 -21.34 10.08 30.59
C SER A 455 -20.63 10.12 29.24
N SER A 456 -20.30 11.33 28.79
CA SER A 456 -19.51 11.53 27.59
C SER A 456 -18.19 10.77 27.65
N LYS A 457 -17.52 10.85 28.80
CA LYS A 457 -16.25 10.18 29.02
C LYS A 457 -16.38 8.67 28.96
N ASP A 458 -17.44 8.13 29.57
CA ASP A 458 -17.69 6.70 29.58
C ASP A 458 -18.02 6.16 28.20
N LEU A 459 -18.80 6.92 27.43
CA LEU A 459 -19.17 6.54 26.07
C LEU A 459 -17.95 6.54 25.14
N ALA A 460 -17.17 7.62 25.19
CA ALA A 460 -15.96 7.75 24.38
C ALA A 460 -14.93 6.67 24.68
N TYR A 461 -14.78 6.32 25.95
CA TYR A 461 -13.83 5.29 26.37
C TYR A 461 -14.25 3.90 25.89
N GLN A 462 -15.53 3.57 26.04
CA GLN A 462 -16.06 2.29 25.58
C GLN A 462 -15.99 2.19 24.07
N MET A 463 -16.16 3.33 23.40
CA MET A 463 -16.00 3.42 21.96
C MET A 463 -14.56 3.13 21.54
N THR A 464 -13.61 3.77 22.21
CA THR A 464 -12.18 3.62 21.90
C THR A 464 -11.69 2.19 22.18
N THR A 465 -12.16 1.60 23.28
CA THR A 465 -11.83 0.21 23.64
C THR A 465 -12.28 -0.76 22.54
N TYR A 466 -13.51 -0.57 22.06
CA TYR A 466 -14.09 -1.38 21.00
C TYR A 466 -13.35 -1.15 19.68
N ASP A 467 -13.05 0.12 19.38
CA ASP A 467 -12.31 0.48 18.18
C ASP A 467 -10.94 -0.20 18.13
N TRP A 468 -10.25 -0.24 19.27
CA TRP A 468 -8.93 -0.87 19.37
C TRP A 468 -8.97 -2.37 19.16
N GLU A 469 -10.04 -3.01 19.63
CA GLU A 469 -10.24 -4.44 19.39
C GLU A 469 -10.42 -4.71 17.90
N LEU A 470 -11.17 -3.84 17.23
CA LEU A 470 -11.40 -3.92 15.79
C LEU A 470 -10.14 -3.59 14.99
N PHE A 471 -9.38 -2.62 15.47
CA PHE A 471 -8.15 -2.16 14.80
C PHE A 471 -7.04 -3.20 14.89
N ASN A 472 -6.91 -3.84 16.06
CA ASN A 472 -5.88 -4.87 16.26
C ASN A 472 -6.17 -6.19 15.55
N CYS A 473 -7.43 -6.40 15.21
CA CYS A 473 -7.85 -7.56 14.42
C CYS A 473 -7.39 -7.47 12.97
N VAL A 474 -7.06 -6.25 12.54
CA VAL A 474 -6.63 -6.00 11.16
C VAL A 474 -5.16 -6.37 10.98
N HIS A 475 -4.90 -7.37 10.14
CA HIS A 475 -3.54 -7.79 9.82
C HIS A 475 -2.94 -6.85 8.79
N GLU A 476 -1.64 -6.59 8.91
CA GLU A 476 -0.93 -5.69 7.99
C GLU A 476 -1.11 -6.07 6.52
N LEU A 477 -1.19 -7.38 6.26
CA LEU A 477 -1.31 -7.89 4.89
C LEU A 477 -2.68 -7.63 4.26
N GLU A 478 -3.71 -7.48 5.09
CA GLU A 478 -5.05 -7.14 4.61
C GLU A 478 -5.07 -5.80 3.90
N LEU A 479 -4.21 -4.89 4.34
CA LEU A 479 -4.02 -3.59 3.67
C LEU A 479 -3.46 -3.78 2.26
N ILE A 480 -2.53 -4.72 2.11
CA ILE A 480 -1.94 -5.04 0.82
C ILE A 480 -2.99 -5.67 -0.12
N TYR A 481 -3.72 -6.66 0.39
CA TYR A 481 -4.75 -7.36 -0.40
C TYR A 481 -5.86 -6.42 -0.85
N HIS A 482 -6.22 -5.50 0.03
CA HIS A 482 -7.28 -4.52 -0.24
C HIS A 482 -6.87 -3.56 -1.35
N THR A 483 -5.61 -3.15 -1.34
CA THR A 483 -5.09 -2.19 -2.30
C THR A 483 -4.91 -2.79 -3.70
N PHE A 484 -4.22 -3.93 -3.76
CA PHE A 484 -3.86 -4.54 -5.03
C PHE A 484 -4.99 -5.35 -5.66
N GLY A 485 -6.10 -5.49 -4.95
CA GLY A 485 -7.25 -6.23 -5.45
C GLY A 485 -7.40 -7.57 -4.75
N ARG A 486 -8.54 -7.73 -4.09
CA ARG A 486 -8.83 -8.92 -3.27
C ARG A 486 -8.73 -10.23 -4.06
N HIS A 487 -9.22 -10.23 -5.31
CA HIS A 487 -9.26 -11.43 -6.15
C HIS A 487 -7.88 -11.93 -6.60
N ASN A 488 -6.87 -11.08 -6.51
CA ASN A 488 -5.51 -11.43 -6.92
C ASN A 488 -4.78 -12.33 -5.92
N PHE A 489 -5.33 -12.46 -4.72
CA PHE A 489 -4.68 -13.23 -3.65
C PHE A 489 -5.59 -14.33 -3.14
N LYS A 490 -6.89 -14.22 -3.46
CA LYS A 490 -7.92 -15.13 -2.94
C LYS A 490 -7.94 -15.13 -1.40
N LYS A 491 -7.73 -13.95 -0.82
CA LYS A 491 -7.70 -13.80 0.63
C LYS A 491 -8.77 -12.82 1.10
N THR A 492 -9.22 -12.99 2.35
CA THR A 492 -10.20 -12.09 2.94
C THR A 492 -9.54 -10.81 3.47
N THR A 493 -10.33 -9.74 3.53
CA THR A 493 -9.94 -8.52 4.23
C THR A 493 -11.02 -8.18 5.26
N ALA A 494 -11.78 -9.21 5.66
CA ALA A 494 -12.93 -9.09 6.57
C ALA A 494 -12.72 -8.17 7.77
N ASN A 495 -11.57 -8.29 8.42
CA ASN A 495 -11.25 -7.48 9.59
C ASN A 495 -11.11 -5.98 9.26
N LEU A 496 -10.40 -5.68 8.18
CA LEU A 496 -10.29 -4.31 7.68
C LEU A 496 -11.65 -3.80 7.19
N ASP A 497 -12.38 -4.66 6.49
CA ASP A 497 -13.72 -4.35 6.01
C ASP A 497 -14.65 -3.89 7.13
N LEU A 498 -14.65 -4.62 8.24
CA LEU A 498 -15.53 -4.30 9.38
C LEU A 498 -15.09 -3.06 10.13
N PHE A 499 -13.77 -2.86 10.23
CA PHE A 499 -13.24 -1.68 10.91
C PHE A 499 -13.46 -0.40 10.11
N LEU A 500 -13.40 -0.49 8.78
CA LEU A 500 -13.66 0.66 7.92
C LEU A 500 -15.14 1.04 7.93
N ARG A 501 -16.01 0.04 7.98
CA ARG A 501 -17.46 0.26 8.07
C ARG A 501 -17.84 0.97 9.38
N ARG A 502 -17.10 0.68 10.44
CA ARG A 502 -17.30 1.29 11.75
C ARG A 502 -17.28 2.82 11.70
N PHE A 503 -16.43 3.37 10.83
CA PHE A 503 -16.38 4.81 10.59
C PHE A 503 -17.75 5.33 10.14
N ASN A 504 -18.37 4.63 9.18
CA ASN A 504 -19.70 4.99 8.70
C ASN A 504 -20.78 4.76 9.76
N GLU A 505 -20.62 3.71 10.56
CA GLU A 505 -21.57 3.38 11.62
C GLU A 505 -21.67 4.48 12.68
N ILE A 506 -20.53 4.99 13.12
CA ILE A 506 -20.47 6.08 14.08
C ILE A 506 -21.04 7.36 13.46
N GLN A 507 -20.63 7.63 12.22
CA GLN A 507 -21.08 8.81 11.48
C GLN A 507 -22.60 8.86 11.34
N PHE A 508 -23.20 7.73 10.98
CA PHE A 508 -24.65 7.66 10.79
C PHE A 508 -25.44 7.51 12.10
N TRP A 509 -24.76 7.06 13.17
CA TRP A 509 -25.36 7.01 14.51
C TRP A 509 -25.70 8.41 14.99
N VAL A 510 -24.76 9.34 14.80
CA VAL A 510 -24.94 10.74 15.14
C VAL A 510 -26.15 11.33 14.39
N VAL A 511 -26.17 11.15 13.07
CA VAL A 511 -27.25 11.66 12.22
C VAL A 511 -28.60 11.06 12.61
N THR A 512 -28.62 9.74 12.81
CA THR A 512 -29.82 9.01 13.20
C THR A 512 -30.47 9.58 14.45
N GLU A 513 -29.69 9.72 15.53
CA GLU A 513 -30.22 10.16 16.81
C GLU A 513 -30.70 11.61 16.80
N VAL A 514 -29.96 12.48 16.10
CA VAL A 514 -30.35 13.88 15.95
C VAL A 514 -31.66 14.01 15.17
N CYS A 515 -31.81 13.23 14.10
CA CYS A 515 -33.00 13.29 13.24
C CYS A 515 -34.22 12.58 13.83
N LEU A 516 -34.00 11.79 14.87
CA LEU A 516 -35.09 11.10 15.57
C LEU A 516 -35.52 11.82 16.84
N CYS A 517 -34.78 12.88 17.20
CA CYS A 517 -35.04 13.66 18.41
C CYS A 517 -35.99 14.83 18.12
N SER A 518 -37.26 14.64 18.46
CA SER A 518 -38.31 15.60 18.10
C SER A 518 -38.30 16.90 18.90
N GLN A 519 -38.00 16.80 20.21
CA GLN A 519 -37.94 17.97 21.08
C GLN A 519 -36.70 18.81 20.79
N LEU A 520 -36.90 20.10 20.56
CA LEU A 520 -35.81 21.03 20.24
C LEU A 520 -34.80 21.19 21.37
N SER A 521 -35.29 21.28 22.60
CA SER A 521 -34.42 21.46 23.78
C SER A 521 -33.51 20.25 24.00
N LYS A 522 -34.07 19.05 23.79
CA LYS A 522 -33.32 17.81 23.91
C LYS A 522 -32.33 17.63 22.76
N ARG A 523 -32.68 18.19 21.60
CA ARG A 523 -31.84 18.11 20.41
C ARG A 523 -30.58 18.96 20.57
N VAL A 524 -30.73 20.13 21.21
CA VAL A 524 -29.60 20.99 21.54
C VAL A 524 -28.67 20.27 22.50
N GLN A 525 -29.25 19.51 23.43
CA GLN A 525 -28.49 18.69 24.38
C GLN A 525 -27.70 17.60 23.67
N LEU A 526 -28.26 17.03 22.60
CA LEU A 526 -27.58 16.00 21.81
C LEU A 526 -26.34 16.53 21.12
N LEU A 527 -26.46 17.69 20.48
CA LEU A 527 -25.32 18.34 19.82
C LEU A 527 -24.18 18.58 20.80
N LYS A 528 -24.51 19.06 21.99
CA LYS A 528 -23.54 19.31 23.05
C LYS A 528 -22.86 18.01 23.46
N LYS A 529 -23.64 16.94 23.59
CA LYS A 529 -23.13 15.64 24.01
C LYS A 529 -22.20 15.02 22.96
N PHE A 530 -22.58 15.09 21.69
CA PHE A 530 -21.75 14.56 20.62
C PHE A 530 -20.42 15.29 20.49
N ILE A 531 -20.44 16.62 20.65
CA ILE A 531 -19.21 17.42 20.68
C ILE A 531 -18.33 17.01 21.86
N LYS A 532 -18.96 16.74 23.01
CA LYS A 532 -18.25 16.26 24.19
C LYS A 532 -17.62 14.88 23.98
N ILE A 533 -18.39 13.95 23.42
CA ILE A 533 -17.89 12.60 23.12
C ILE A 533 -16.72 12.65 22.13
N ALA A 534 -16.84 13.52 21.13
CA ALA A 534 -15.78 13.73 20.14
C ALA A 534 -14.51 14.25 20.80
N ALA A 535 -14.66 15.25 21.68
CA ALA A 535 -13.54 15.85 22.40
C ALA A 535 -12.77 14.82 23.22
N HIS A 536 -13.52 13.95 23.91
CA HIS A 536 -12.93 12.87 24.71
C HIS A 536 -12.26 11.81 23.85
N CYS A 537 -12.83 11.56 22.67
CA CYS A 537 -12.23 10.62 21.70
C CYS A 537 -10.86 11.10 21.23
N LYS A 538 -10.73 12.41 21.02
CA LYS A 538 -9.47 13.03 20.63
C LYS A 538 -8.44 12.93 21.75
N GLU A 539 -8.91 13.00 23.00
CA GLU A 539 -8.05 12.86 24.18
C GLU A 539 -7.41 11.48 24.26
N TYR A 540 -8.19 10.44 23.95
CA TYR A 540 -7.69 9.06 23.94
C TYR A 540 -6.87 8.75 22.69
N LYS A 541 -6.66 9.76 21.84
CA LYS A 541 -5.95 9.63 20.57
C LYS A 541 -6.67 8.74 19.55
N ASN A 542 -7.98 8.59 19.73
CA ASN A 542 -8.86 7.92 18.78
C ASN A 542 -9.33 8.93 17.73
N LEU A 543 -8.45 9.25 16.79
CA LEU A 543 -8.72 10.26 15.77
C LEU A 543 -9.79 9.83 14.78
N ASN A 544 -9.88 8.52 14.53
CA ASN A 544 -10.84 7.96 13.60
C ASN A 544 -12.29 8.23 14.01
N SER A 545 -12.65 7.82 15.22
CA SER A 545 -14.00 8.02 15.76
C SER A 545 -14.30 9.49 16.02
N PHE A 546 -13.25 10.26 16.28
CA PHE A 546 -13.37 11.70 16.46
C PHE A 546 -13.86 12.37 15.17
N PHE A 547 -13.19 12.09 14.06
CA PHE A 547 -13.58 12.63 12.76
C PHE A 547 -14.94 12.10 12.31
N ALA A 548 -15.28 10.88 12.72
CA ALA A 548 -16.55 10.25 12.40
C ALA A 548 -17.73 10.99 13.03
N ILE A 549 -17.56 11.43 14.28
CA ILE A 549 -18.58 12.21 14.96
C ILE A 549 -18.68 13.62 14.37
N VAL A 550 -17.53 14.25 14.13
CA VAL A 550 -17.48 15.60 13.56
C VAL A 550 -18.15 15.64 12.18
N MET A 551 -17.87 14.62 11.36
CA MET A 551 -18.48 14.49 10.03
C MET A 551 -19.97 14.17 10.09
N GLY A 552 -20.39 13.48 11.14
CA GLY A 552 -21.82 13.23 11.40
C GLY A 552 -22.54 14.53 11.70
N LEU A 553 -21.89 15.40 12.47
CA LEU A 553 -22.39 16.74 12.74
C LEU A 553 -22.39 17.64 11.50
N SER A 554 -21.48 17.35 10.57
CA SER A 554 -21.37 18.12 9.33
C SER A 554 -22.40 17.72 8.28
N ASN A 555 -23.01 16.55 8.47
CA ASN A 555 -24.00 16.02 7.54
C ASN A 555 -25.13 17.01 7.25
N VAL A 556 -25.55 17.05 5.99
CA VAL A 556 -26.56 18.00 5.51
C VAL A 556 -27.83 17.98 6.35
N ALA A 557 -28.24 16.79 6.79
CA ALA A 557 -29.45 16.65 7.61
C ALA A 557 -29.31 17.25 9.02
N VAL A 558 -28.08 17.39 9.50
CA VAL A 558 -27.83 17.94 10.82
C VAL A 558 -27.50 19.45 10.77
N SER A 559 -26.66 19.84 9.81
CA SER A 559 -26.26 21.24 9.64
C SER A 559 -27.45 22.15 9.26
N ARG A 560 -28.45 21.55 8.63
CA ARG A 560 -29.71 22.21 8.30
C ARG A 560 -30.41 22.85 9.48
N LEU A 561 -30.29 22.22 10.65
CA LEU A 561 -31.05 22.59 11.84
C LEU A 561 -30.57 23.89 12.48
N ALA A 562 -30.85 25.01 11.81
CA ALA A 562 -30.43 26.34 12.23
C ALA A 562 -30.91 26.68 13.64
N LEU A 563 -32.17 26.35 13.93
CA LEU A 563 -32.77 26.62 15.23
C LEU A 563 -32.12 25.82 16.36
N THR A 564 -31.53 24.67 16.02
CA THR A 564 -30.81 23.85 16.99
C THR A 564 -29.39 24.36 17.21
N TRP A 565 -28.70 24.72 16.13
CA TRP A 565 -27.34 25.26 16.20
C TRP A 565 -27.29 26.64 16.85
N GLU A 566 -28.26 27.49 16.51
CA GLU A 566 -28.39 28.83 17.08
C GLU A 566 -28.56 28.79 18.61
N LYS A 567 -29.34 27.84 19.10
CA LYS A 567 -29.63 27.72 20.53
C LYS A 567 -28.50 27.02 21.30
N LEU A 568 -27.46 26.58 20.60
CA LEU A 568 -26.32 25.93 21.22
C LEU A 568 -25.35 26.96 21.80
N PRO A 569 -24.87 26.76 23.05
CA PRO A 569 -23.92 27.65 23.71
C PRO A 569 -22.69 27.92 22.84
N SER A 570 -22.26 29.17 22.80
CA SER A 570 -21.11 29.61 21.99
C SER A 570 -19.80 28.91 22.39
N LYS A 571 -19.76 28.42 23.62
CA LYS A 571 -18.64 27.63 24.13
C LYS A 571 -18.43 26.38 23.28
N PHE A 572 -19.53 25.69 22.97
CA PHE A 572 -19.50 24.47 22.17
C PHE A 572 -19.58 24.77 20.67
N LYS A 573 -20.04 25.97 20.33
CA LYS A 573 -20.10 26.42 18.94
C LYS A 573 -18.68 26.66 18.39
N LYS A 574 -17.83 27.25 19.22
CA LYS A 574 -16.43 27.49 18.87
C LYS A 574 -15.63 26.19 18.94
N PHE A 575 -15.94 25.36 19.94
CA PHE A 575 -15.37 24.03 20.08
C PHE A 575 -15.51 23.20 18.81
N TYR A 576 -16.71 23.23 18.23
CA TYR A 576 -17.01 22.48 17.02
C TYR A 576 -16.31 23.06 15.79
N ALA A 577 -16.27 24.39 15.69
CA ALA A 577 -15.60 25.07 14.58
C ALA A 577 -14.11 24.74 14.55
N GLU A 578 -13.52 24.54 15.73
CA GLU A 578 -12.13 24.12 15.88
C GLU A 578 -11.95 22.67 15.42
N PHE A 579 -12.96 21.83 15.70
CA PHE A 579 -12.95 20.45 15.27
C PHE A 579 -13.07 20.35 13.74
N GLU A 580 -13.97 21.15 13.17
CA GLU A 580 -14.24 21.14 11.73
C GLU A 580 -13.06 21.71 10.92
N SER A 581 -12.25 22.55 11.55
CA SER A 581 -11.08 23.13 10.89
C SER A 581 -9.92 22.14 10.81
N LEU A 582 -9.92 21.13 11.67
CA LEU A 582 -8.95 20.03 11.62
C LEU A 582 -9.21 19.10 10.43
N MET A 583 -10.42 19.19 9.88
CA MET A 583 -10.83 18.42 8.71
C MET A 583 -10.42 19.06 7.38
N ASP A 584 -9.87 20.27 7.47
CA ASP A 584 -9.46 21.04 6.30
C ASP A 584 -8.60 20.21 5.33
N PRO A 585 -9.10 20.00 4.10
CA PRO A 585 -8.40 19.17 3.12
C PRO A 585 -7.20 19.88 2.48
N SER A 586 -6.96 21.13 2.89
CA SER A 586 -5.89 21.95 2.32
C SER A 586 -4.50 21.37 2.56
N ARG A 587 -3.67 21.46 1.53
CA ARG A 587 -2.28 21.02 1.55
C ARG A 587 -2.16 19.54 1.96
N ASN A 588 -2.90 18.70 1.24
CA ASN A 588 -2.97 17.26 1.50
C ASN A 588 -3.36 16.93 2.95
N HIS A 589 -4.48 17.50 3.38
CA HIS A 589 -4.98 17.37 4.77
C HIS A 589 -3.93 17.73 5.81
N ARG A 590 -3.20 18.83 5.56
CA ARG A 590 -2.11 19.29 6.43
C ARG A 590 -2.53 19.40 7.89
N ALA A 591 -3.69 19.98 8.12
CA ALA A 591 -4.24 20.17 9.46
C ALA A 591 -4.31 18.86 10.25
N TYR A 592 -4.80 17.80 9.61
CA TYR A 592 -4.81 16.47 10.23
C TYR A 592 -3.41 15.87 10.33
N ARG A 593 -2.66 15.91 9.23
CA ARG A 593 -1.30 15.36 9.16
C ARG A 593 -0.42 15.75 10.35
N LEU A 594 -0.37 17.05 10.62
CA LEU A 594 0.45 17.59 11.71
C LEU A 594 -0.08 17.15 13.08
N THR A 595 -1.41 17.13 13.22
CA THR A 595 -2.07 16.71 14.46
C THR A 595 -1.66 15.29 14.84
N ALA A 596 -1.74 14.39 13.87
CA ALA A 596 -1.42 12.97 14.08
C ALA A 596 0.08 12.73 14.30
N ALA A 597 0.91 13.54 13.65
CA ALA A 597 2.37 13.40 13.76
C ALA A 597 2.91 13.76 15.16
N LYS A 598 2.31 14.77 15.79
CA LYS A 598 2.72 15.20 17.13
C LYS A 598 2.46 14.15 18.21
N LEU A 599 1.46 13.31 17.97
CA LEU A 599 1.00 12.33 18.95
C LEU A 599 1.93 11.12 19.08
N GLU A 600 2.02 10.58 20.29
CA GLU A 600 2.81 9.39 20.56
C GLU A 600 2.04 8.13 20.14
N PRO A 601 2.74 6.97 20.04
CA PRO A 601 2.24 5.83 19.25
C PRO A 601 1.25 4.82 19.87
N PRO A 602 0.40 5.23 20.83
CA PRO A 602 -0.84 4.45 20.92
C PRO A 602 -2.05 5.25 20.42
N LEU A 603 -2.26 5.27 19.10
CA LEU A 603 -3.32 6.07 18.47
C LEU A 603 -4.03 5.35 17.33
N ILE A 604 -5.24 5.80 17.01
CA ILE A 604 -6.02 5.30 15.87
C ILE A 604 -6.16 6.40 14.80
N PRO A 605 -5.59 6.18 13.61
CA PRO A 605 -5.54 7.22 12.59
C PRO A 605 -6.86 7.42 11.84
N PHE A 606 -6.94 8.51 11.08
CA PHE A 606 -8.06 8.78 10.19
C PHE A 606 -8.03 7.82 9.01
N MET A 607 -8.78 6.73 9.14
CA MET A 607 -8.71 5.60 8.21
C MET A 607 -9.00 5.92 6.73
N PRO A 608 -10.03 6.73 6.45
CA PRO A 608 -10.29 7.06 5.04
C PRO A 608 -9.08 7.66 4.33
N LEU A 609 -8.31 8.49 5.04
CA LEU A 609 -7.11 9.10 4.44
C LEU A 609 -6.00 8.07 4.20
N LEU A 610 -5.91 7.08 5.09
CA LEU A 610 -4.94 5.99 4.92
C LEU A 610 -5.25 5.20 3.66
N ILE A 611 -6.53 4.85 3.49
CA ILE A 611 -7.00 4.13 2.31
C ILE A 611 -6.76 4.94 1.03
N LYS A 612 -6.89 6.26 1.12
CA LYS A 612 -6.59 7.16 0.00
C LYS A 612 -5.09 7.15 -0.35
N ASP A 613 -4.25 7.24 0.68
CA ASP A 613 -2.79 7.15 0.50
C ASP A 613 -2.39 5.88 -0.23
N MET A 614 -3.00 4.78 0.19
CA MET A 614 -2.73 3.46 -0.36
C MET A 614 -3.19 3.37 -1.82
N THR A 615 -4.40 3.87 -2.08
CA THR A 615 -4.99 3.86 -3.42
C THR A 615 -4.10 4.61 -4.42
N PHE A 616 -3.70 5.82 -4.05
CA PHE A 616 -2.90 6.67 -4.94
C PHE A 616 -1.46 6.22 -5.09
N THR A 617 -0.94 5.48 -4.11
CA THR A 617 0.38 4.86 -4.25
C THR A 617 0.31 3.73 -5.28
N HIS A 618 -0.82 3.03 -5.33
CA HIS A 618 -1.01 1.94 -6.27
C HIS A 618 -1.28 2.43 -7.70
N GLU A 619 -2.25 3.32 -7.86
CA GLU A 619 -2.60 3.85 -9.18
C GLU A 619 -1.55 4.79 -9.76
N GLY A 620 -0.82 5.48 -8.89
CA GLY A 620 0.18 6.45 -9.32
C GLY A 620 1.51 5.86 -9.75
N ASN A 621 1.73 4.59 -9.41
CA ASN A 621 3.00 3.92 -9.69
C ASN A 621 2.81 2.57 -10.38
N LYS A 622 3.72 2.25 -11.28
CA LYS A 622 3.69 0.97 -12.00
C LYS A 622 4.33 -0.12 -11.16
N THR A 623 3.68 -1.28 -11.08
CA THR A 623 4.22 -2.42 -10.35
C THR A 623 5.44 -2.99 -11.07
N PHE A 624 5.38 -3.01 -12.39
CA PHE A 624 6.50 -3.47 -13.22
C PHE A 624 7.02 -2.39 -14.15
N ILE A 625 8.35 -2.29 -14.24
CA ILE A 625 9.02 -1.43 -15.23
C ILE A 625 9.95 -2.32 -16.06
N ASP A 626 9.75 -2.32 -17.37
CA ASP A 626 10.49 -3.19 -18.30
C ASP A 626 10.54 -4.64 -17.83
N ASN A 627 9.38 -5.18 -17.46
CA ASN A 627 9.24 -6.56 -16.99
C ASN A 627 9.97 -6.86 -15.68
N LEU A 628 10.50 -5.83 -15.04
CA LEU A 628 11.16 -5.97 -13.74
C LEU A 628 10.28 -5.38 -12.64
N VAL A 629 10.36 -5.98 -11.46
CA VAL A 629 9.58 -5.51 -10.31
C VAL A 629 10.06 -4.13 -9.88
N ASN A 630 9.14 -3.17 -9.86
CA ASN A 630 9.43 -1.82 -9.36
C ASN A 630 9.42 -1.82 -7.84
N PHE A 631 10.59 -2.07 -7.26
CA PHE A 631 10.71 -2.20 -5.80
C PHE A 631 10.57 -0.87 -5.07
N GLU A 632 10.81 0.22 -5.80
CA GLU A 632 10.58 1.57 -5.31
C GLU A 632 9.12 1.73 -4.88
N LYS A 633 8.19 1.25 -5.71
CA LYS A 633 6.77 1.26 -5.40
C LYS A 633 6.46 0.38 -4.18
N MET A 634 7.03 -0.82 -4.17
CA MET A 634 6.84 -1.78 -3.06
C MET A 634 7.22 -1.17 -1.73
N ARG A 635 8.33 -0.42 -1.74
CA ARG A 635 8.86 0.27 -0.58
C ARG A 635 7.87 1.31 -0.06
N MET A 636 7.20 2.00 -0.98
CA MET A 636 6.24 3.06 -0.62
C MET A 636 4.98 2.51 0.05
N ILE A 637 4.47 1.40 -0.48
CA ILE A 637 3.31 0.70 0.09
C ILE A 637 3.64 0.19 1.49
N ALA A 638 4.84 -0.39 1.64
CA ALA A 638 5.30 -0.94 2.91
C ALA A 638 5.47 0.14 3.99
N ASN A 639 5.94 1.31 3.58
CA ASN A 639 6.05 2.46 4.49
C ASN A 639 4.72 2.88 5.09
N THR A 640 3.67 2.88 4.25
CA THR A 640 2.32 3.22 4.68
C THR A 640 1.78 2.19 5.68
N ALA A 641 2.01 0.91 5.39
CA ALA A 641 1.58 -0.17 6.28
C ALA A 641 2.33 -0.14 7.61
N ARG A 642 3.63 0.15 7.57
CA ARG A 642 4.44 0.25 8.79
C ARG A 642 3.99 1.39 9.70
N THR A 643 3.37 2.42 9.11
CA THR A 643 2.79 3.52 9.87
C THR A 643 1.67 3.00 10.77
N VAL A 644 0.86 2.07 10.24
CA VAL A 644 -0.16 1.39 11.04
C VAL A 644 0.47 0.57 12.17
N ARG A 645 1.60 -0.08 11.87
CA ARG A 645 2.35 -0.84 12.87
C ARG A 645 2.87 0.08 13.97
N TYR A 646 3.27 1.29 13.59
CA TYR A 646 3.73 2.29 14.55
C TYR A 646 2.61 2.76 15.46
N TYR A 647 1.42 2.97 14.89
CA TYR A 647 0.26 3.41 15.67
C TYR A 647 -0.22 2.39 16.70
N ARG A 648 0.08 1.11 16.46
CA ARG A 648 -0.36 0.04 17.35
C ARG A 648 0.79 -0.56 18.17
N SER A 649 1.95 0.10 18.14
CA SER A 649 3.15 -0.39 18.81
C SER A 649 3.11 -0.29 20.34
N GLN A 650 2.08 0.38 20.87
CA GLN A 650 1.89 0.52 22.32
C GLN A 650 0.45 0.15 22.71
N PRO A 651 0.27 -0.46 23.90
CA PRO A 651 -1.07 -0.81 24.36
C PRO A 651 -1.87 0.41 24.80
N PHE A 652 -3.20 0.26 24.86
CA PHE A 652 -4.10 1.34 25.23
C PHE A 652 -4.68 1.12 26.64
N ASN A 653 -4.63 2.16 27.46
CA ASN A 653 -5.20 2.13 28.82
C ASN A 653 -6.32 3.15 29.04
N HIS A 663 -18.86 -1.33 33.62
CA HIS A 663 -19.97 -0.65 32.96
C HIS A 663 -20.47 -1.44 31.75
N GLN A 664 -21.06 -2.60 32.03
CA GLN A 664 -21.58 -3.51 31.00
C GLN A 664 -22.66 -2.90 30.11
N ASP A 665 -23.47 -2.02 30.69
CA ASP A 665 -24.56 -1.36 29.97
C ASP A 665 -24.06 -0.37 28.91
N VAL A 666 -23.04 0.40 29.27
CA VAL A 666 -22.42 1.36 28.34
C VAL A 666 -21.64 0.62 27.25
N ARG A 667 -21.00 -0.48 27.65
CA ARG A 667 -20.31 -1.36 26.71
C ARG A 667 -21.28 -2.00 25.72
N SER A 668 -22.44 -2.44 26.21
CA SER A 668 -23.47 -3.07 25.38
C SER A 668 -24.04 -2.14 24.32
N TYR A 669 -24.30 -0.88 24.68
CA TYR A 669 -24.86 0.08 23.75
C TYR A 669 -23.90 0.40 22.60
N VAL A 670 -22.66 0.74 22.96
CA VAL A 670 -21.62 1.14 22.02
C VAL A 670 -21.33 0.04 20.97
N ARG A 671 -21.42 -1.21 21.39
CA ARG A 671 -21.08 -2.34 20.54
C ARG A 671 -22.28 -2.92 19.77
N GLN A 672 -23.46 -2.32 19.94
CA GLN A 672 -24.68 -2.82 19.30
C GLN A 672 -25.55 -1.69 18.73
N LEU A 673 -24.94 -0.83 17.92
CA LEU A 673 -25.65 0.33 17.35
C LEU A 673 -26.61 -0.05 16.22
N ASN A 674 -27.80 0.54 16.26
CA ASN A 674 -28.78 0.42 15.18
C ASN A 674 -28.94 1.76 14.47
N VAL A 675 -28.66 1.77 13.17
CA VAL A 675 -28.41 3.00 12.45
C VAL A 675 -29.22 3.11 11.17
N ILE A 676 -29.66 4.32 10.85
CA ILE A 676 -30.21 4.64 9.53
C ILE A 676 -29.06 5.13 8.64
N ASP A 677 -28.86 4.45 7.50
CA ASP A 677 -27.86 4.89 6.53
C ASP A 677 -28.49 5.35 5.22
N ASN A 678 -29.83 5.42 5.20
CA ASN A 678 -30.58 5.96 4.07
C ASN A 678 -30.65 7.49 4.18
N GLN A 679 -29.81 8.17 3.41
CA GLN A 679 -29.68 9.62 3.47
C GLN A 679 -30.98 10.35 3.12
N ARG A 680 -31.76 9.77 2.22
CA ARG A 680 -33.05 10.34 1.84
C ARG A 680 -34.01 10.38 3.03
N THR A 681 -34.09 9.28 3.76
CA THR A 681 -34.93 9.17 4.95
C THR A 681 -34.51 10.18 6.01
N LEU A 682 -33.19 10.32 6.19
CA LEU A 682 -32.64 11.25 7.17
C LEU A 682 -32.94 12.70 6.82
N SER A 683 -32.92 13.01 5.53
CA SER A 683 -33.27 14.35 5.05
C SER A 683 -34.76 14.64 5.25
N GLN A 684 -35.60 13.67 4.94
CA GLN A 684 -37.05 13.79 5.12
C GLN A 684 -37.41 14.03 6.58
N MET A 685 -36.74 13.31 7.48
CA MET A 685 -36.95 13.43 8.92
C MET A 685 -36.50 14.80 9.42
N SER A 686 -35.38 15.28 8.89
CA SER A 686 -34.83 16.59 9.23
C SER A 686 -35.72 17.73 8.73
N HIS A 687 -36.35 17.51 7.58
CA HIS A 687 -37.20 18.53 6.95
C HIS A 687 -38.53 18.75 7.66
N ARG A 688 -38.97 17.76 8.44
CA ARG A 688 -40.19 17.93 9.21
C ARG A 688 -39.94 18.29 10.68
N LEU A 689 -38.69 18.11 11.13
CA LEU A 689 -38.28 18.63 12.45
C LEU A 689 -38.16 20.15 12.38
N GLU A 690 -37.51 20.63 11.34
CA GLU A 690 -37.37 22.06 11.06
C GLU A 690 -37.62 22.31 9.57
N PRO A 691 -38.83 22.75 9.21
CA PRO A 691 -39.25 22.99 7.82
C PRO A 691 -38.36 23.97 7.06
N GLU B 3 -5.26 30.88 -5.10
CA GLU B 3 -5.62 29.53 -4.58
C GLU B 3 -6.95 29.05 -5.16
N TYR B 4 -6.94 27.81 -5.65
CA TYR B 4 -8.15 27.18 -6.19
C TYR B 4 -8.27 25.73 -5.71
N LYS B 5 -9.51 25.30 -5.47
CA LYS B 5 -9.79 23.93 -5.02
C LYS B 5 -10.77 23.26 -5.97
N LEU B 6 -10.32 22.23 -6.66
CA LEU B 6 -11.14 21.51 -7.63
C LEU B 6 -11.38 20.07 -7.17
N VAL B 7 -12.57 19.56 -7.48
CA VAL B 7 -13.00 18.25 -6.99
C VAL B 7 -13.28 17.28 -8.13
N VAL B 8 -12.78 16.05 -8.00
CA VAL B 8 -13.04 15.00 -8.97
C VAL B 8 -14.04 14.00 -8.38
N LEU B 9 -15.17 13.84 -9.07
CA LEU B 9 -16.25 12.96 -8.62
C LEU B 9 -16.58 11.90 -9.66
N GLY B 10 -17.14 10.79 -9.19
CA GLY B 10 -17.50 9.68 -10.06
C GLY B 10 -17.46 8.35 -9.33
N SER B 11 -17.98 7.31 -9.98
CA SER B 11 -18.02 5.96 -9.43
C SER B 11 -16.66 5.29 -9.50
N GLY B 12 -16.53 4.12 -8.88
CA GLY B 12 -15.29 3.36 -8.89
C GLY B 12 -14.93 2.84 -10.27
N GLY B 13 -13.62 2.66 -10.50
CA GLY B 13 -13.11 2.12 -11.76
C GLY B 13 -13.29 3.03 -12.96
N VAL B 14 -13.46 4.33 -12.71
CA VAL B 14 -13.75 5.30 -13.76
C VAL B 14 -12.49 5.99 -14.32
N GLY B 15 -11.46 6.08 -13.49
CA GLY B 15 -10.20 6.68 -13.90
C GLY B 15 -9.89 7.97 -13.17
N LYS B 16 -10.62 8.21 -12.07
CA LYS B 16 -10.45 9.43 -11.28
C LYS B 16 -8.99 9.63 -10.84
N SER B 17 -8.42 8.62 -10.20
CA SER B 17 -7.06 8.70 -9.69
C SER B 17 -6.04 8.82 -10.82
N ALA B 18 -6.31 8.11 -11.92
CA ALA B 18 -5.47 8.17 -13.12
C ALA B 18 -5.42 9.58 -13.70
N LEU B 19 -6.56 10.25 -13.74
CA LEU B 19 -6.65 11.63 -14.23
C LEU B 19 -5.93 12.60 -13.30
N THR B 20 -6.13 12.43 -11.99
CA THR B 20 -5.54 13.29 -10.97
C THR B 20 -4.01 13.26 -11.02
N VAL B 21 -3.45 12.05 -11.00
CA VAL B 21 -2.00 11.85 -11.06
C VAL B 21 -1.45 12.38 -12.38
N GLN B 22 -2.12 12.04 -13.48
CA GLN B 22 -1.68 12.44 -14.81
C GLN B 22 -1.68 13.97 -15.00
N PHE B 23 -2.51 14.67 -14.23
CA PHE B 23 -2.57 16.11 -14.29
C PHE B 23 -1.48 16.76 -13.42
N VAL B 24 -1.41 16.37 -12.15
CA VAL B 24 -0.47 16.98 -11.20
C VAL B 24 1.00 16.69 -11.53
N GLN B 25 1.28 15.50 -12.04
CA GLN B 25 2.65 15.05 -12.26
C GLN B 25 2.73 14.16 -13.50
N GLY B 26 2.46 12.86 -13.34
CA GLY B 26 2.45 11.95 -14.47
C GLY B 26 2.91 10.55 -14.11
N ILE B 27 2.16 9.56 -14.57
CA ILE B 27 2.49 8.15 -14.34
C ILE B 27 3.77 7.78 -15.08
N PHE B 28 4.58 6.93 -14.46
CA PHE B 28 5.84 6.43 -15.02
C PHE B 28 7.00 7.45 -15.02
N VAL B 29 6.83 8.58 -15.70
CA VAL B 29 7.90 9.60 -15.80
C VAL B 29 8.54 9.92 -14.45
N GLU B 30 7.71 9.99 -13.42
CA GLU B 30 8.16 10.23 -12.06
C GLU B 30 7.35 9.40 -11.07
N LYS B 31 7.97 9.03 -9.95
CA LYS B 31 7.25 8.33 -8.90
C LYS B 31 6.26 9.28 -8.25
N TYR B 32 5.11 8.73 -7.84
CA TYR B 32 4.09 9.54 -7.23
C TYR B 32 3.96 9.29 -5.73
N ASP B 33 4.28 10.32 -4.94
CA ASP B 33 4.11 10.28 -3.50
C ASP B 33 2.84 11.06 -3.14
N PRO B 34 1.81 10.37 -2.62
CA PRO B 34 0.57 11.04 -2.24
C PRO B 34 0.52 11.46 -0.77
N THR B 35 1.66 11.42 -0.08
CA THR B 35 1.70 11.67 1.36
C THR B 35 2.40 12.97 1.75
N ILE B 36 2.80 13.77 0.77
CA ILE B 36 3.48 15.04 1.02
C ILE B 36 2.59 16.25 0.70
N GLU B 37 3.01 17.42 1.19
CA GLU B 37 2.21 18.65 1.13
C GLU B 37 1.71 19.02 -0.27
N ASP B 38 2.58 18.92 -1.27
CA ASP B 38 2.25 19.34 -2.64
C ASP B 38 1.77 18.20 -3.56
N SER B 39 1.38 17.07 -2.96
CA SER B 39 0.96 15.87 -3.71
C SER B 39 -0.12 16.12 -4.75
N TYR B 40 -1.10 16.95 -4.40
CA TYR B 40 -2.25 17.20 -5.27
C TYR B 40 -2.29 18.64 -5.78
N ARG B 41 -1.21 19.39 -5.54
CA ARG B 41 -1.11 20.80 -5.92
C ARG B 41 -0.27 20.97 -7.18
N LYS B 42 -0.75 21.82 -8.09
CA LYS B 42 -0.01 22.16 -9.30
C LYS B 42 -0.23 23.63 -9.68
N GLN B 43 0.85 24.31 -10.05
CA GLN B 43 0.78 25.72 -10.45
C GLN B 43 0.55 25.87 -11.95
N VAL B 44 -0.44 26.68 -12.32
CA VAL B 44 -0.76 26.97 -13.72
C VAL B 44 -1.02 28.46 -13.90
N GLN B 50 -1.69 32.84 -13.76
CA GLN B 50 -0.69 32.22 -12.90
C GLN B 50 -1.28 31.98 -11.50
N CYS B 51 -1.67 30.73 -11.23
CA CYS B 51 -2.41 30.38 -10.01
C CYS B 51 -2.24 28.92 -9.58
N MET B 52 -2.46 28.68 -8.28
CA MET B 52 -2.28 27.37 -7.66
C MET B 52 -3.60 26.59 -7.55
N LEU B 53 -3.56 25.31 -7.92
CA LEU B 53 -4.73 24.43 -7.87
C LEU B 53 -4.52 23.26 -6.92
N GLU B 54 -5.57 22.90 -6.19
CA GLU B 54 -5.56 21.67 -5.37
C GLU B 54 -6.67 20.73 -5.81
N ILE B 55 -6.28 19.51 -6.17
CA ILE B 55 -7.26 18.51 -6.59
C ILE B 55 -7.71 17.66 -5.41
N LEU B 56 -9.01 17.71 -5.15
CA LEU B 56 -9.64 16.87 -4.13
C LEU B 56 -10.36 15.72 -4.83
N ASP B 57 -9.72 14.56 -4.81
CA ASP B 57 -10.24 13.39 -5.51
C ASP B 57 -10.85 12.39 -4.52
N THR B 58 -12.01 11.86 -4.89
CA THR B 58 -12.75 10.92 -4.05
C THR B 58 -12.35 9.46 -4.29
N ALA B 59 -11.38 9.26 -5.19
CA ALA B 59 -10.87 7.93 -5.51
C ALA B 59 -10.36 7.21 -4.27
N GLY B 60 -10.82 5.98 -4.08
CA GLY B 60 -10.42 5.15 -2.95
C GLY B 60 -11.27 5.35 -1.70
N THR B 61 -12.02 6.44 -1.65
CA THR B 61 -12.83 6.79 -0.48
C THR B 61 -14.33 6.88 -0.77
N GLU B 62 -14.76 6.24 -1.85
CA GLU B 62 -16.17 6.30 -2.30
C GLU B 62 -17.16 5.77 -1.27
N GLN B 63 -16.76 4.74 -0.54
CA GLN B 63 -17.58 4.14 0.52
C GLN B 63 -17.77 5.10 1.71
N PHE B 64 -16.90 6.09 1.80
CA PHE B 64 -16.99 7.07 2.87
C PHE B 64 -17.67 8.34 2.33
N THR B 65 -18.99 8.36 2.46
CA THR B 65 -19.84 9.45 1.99
C THR B 65 -19.46 10.81 2.58
N ALA B 66 -19.00 10.81 3.82
CA ALA B 66 -18.57 12.03 4.51
C ALA B 66 -17.36 12.66 3.85
N MET B 67 -16.59 11.86 3.13
CA MET B 67 -15.39 12.32 2.44
C MET B 67 -15.73 13.19 1.23
N ARG B 68 -16.68 12.74 0.41
CA ARG B 68 -17.12 13.54 -0.74
C ARG B 68 -17.83 14.82 -0.29
N ASP B 69 -18.65 14.71 0.76
CA ASP B 69 -19.36 15.86 1.32
C ASP B 69 -18.40 16.95 1.80
N LEU B 70 -17.31 16.54 2.45
CA LEU B 70 -16.27 17.45 2.91
C LEU B 70 -15.59 18.13 1.74
N TYR B 71 -15.28 17.36 0.69
CA TYR B 71 -14.66 17.89 -0.52
C TYR B 71 -15.61 18.81 -1.29
N MET B 72 -16.91 18.52 -1.21
CA MET B 72 -17.93 19.34 -1.87
C MET B 72 -18.08 20.72 -1.21
N LYS B 73 -18.04 20.74 0.12
CA LYS B 73 -18.12 21.98 0.89
C LYS B 73 -16.91 22.87 0.62
N ASN B 74 -15.73 22.26 0.54
CA ASN B 74 -14.48 23.00 0.33
C ASN B 74 -14.18 23.29 -1.13
N GLY B 75 -14.83 22.56 -2.03
CA GLY B 75 -14.59 22.71 -3.47
C GLY B 75 -15.19 23.97 -4.08
N GLN B 76 -14.59 24.41 -5.18
CA GLN B 76 -15.04 25.59 -5.91
C GLN B 76 -15.39 25.23 -7.34
N GLY B 77 -14.72 24.21 -7.86
CA GLY B 77 -15.01 23.63 -9.17
C GLY B 77 -15.21 22.14 -9.04
N PHE B 78 -15.99 21.55 -9.95
CA PHE B 78 -16.34 20.13 -9.84
C PHE B 78 -16.23 19.39 -11.17
N ALA B 79 -15.67 18.19 -11.12
CA ALA B 79 -15.50 17.36 -12.31
C ALA B 79 -16.27 16.05 -12.16
N LEU B 80 -17.35 15.92 -12.94
CA LEU B 80 -18.19 14.74 -12.91
C LEU B 80 -17.71 13.76 -13.97
N VAL B 81 -17.09 12.68 -13.54
CA VAL B 81 -16.41 11.76 -14.45
C VAL B 81 -17.13 10.43 -14.55
N TYR B 82 -17.25 9.93 -15.78
CA TYR B 82 -17.80 8.60 -16.05
C TYR B 82 -16.95 7.85 -17.07
N SER B 83 -17.16 6.54 -17.16
CA SER B 83 -16.49 5.70 -18.15
C SER B 83 -17.41 5.42 -19.33
N ILE B 84 -16.85 5.45 -20.54
CA ILE B 84 -17.62 5.13 -21.75
C ILE B 84 -17.74 3.62 -21.95
N THR B 85 -16.94 2.86 -21.20
CA THR B 85 -16.98 1.39 -21.24
C THR B 85 -17.98 0.82 -20.22
N ALA B 86 -18.43 1.66 -19.30
CA ALA B 86 -19.38 1.24 -18.26
C ALA B 86 -20.70 1.98 -18.36
N GLN B 87 -21.76 1.21 -18.62
CA GLN B 87 -23.11 1.73 -18.82
C GLN B 87 -23.69 2.42 -17.58
N SER B 88 -23.50 1.80 -16.43
CA SER B 88 -24.08 2.24 -15.15
C SER B 88 -23.47 3.51 -14.59
N THR B 89 -22.26 3.85 -15.03
CA THR B 89 -21.51 4.98 -14.48
C THR B 89 -22.06 6.35 -14.88
N PHE B 90 -22.64 6.43 -16.08
CA PHE B 90 -23.28 7.66 -16.52
C PHE B 90 -24.55 7.93 -15.71
N ASN B 91 -25.25 6.83 -15.37
CA ASN B 91 -26.47 6.89 -14.57
C ASN B 91 -26.23 7.45 -13.17
N ASP B 92 -25.07 7.14 -12.60
CA ASP B 92 -24.73 7.53 -11.23
C ASP B 92 -24.47 9.03 -11.04
N LEU B 93 -24.33 9.76 -12.14
CA LEU B 93 -23.93 11.17 -12.11
C LEU B 93 -25.03 12.14 -11.65
N GLN B 94 -26.29 11.76 -11.85
CA GLN B 94 -27.44 12.58 -11.47
C GLN B 94 -27.47 12.91 -9.97
N ASP B 95 -27.18 11.90 -9.15
CA ASP B 95 -27.17 12.05 -7.68
C ASP B 95 -26.05 12.97 -7.21
N LEU B 96 -24.85 12.76 -7.75
CA LEU B 96 -23.67 13.55 -7.41
C LEU B 96 -23.84 15.02 -7.80
N ARG B 97 -24.52 15.25 -8.92
CA ARG B 97 -24.84 16.59 -9.41
C ARG B 97 -25.69 17.36 -8.39
N GLU B 98 -26.74 16.70 -7.90
CA GLU B 98 -27.68 17.33 -6.96
C GLU B 98 -27.09 17.46 -5.55
N GLN B 99 -26.20 16.54 -5.20
CA GLN B 99 -25.54 16.55 -3.89
C GLN B 99 -24.63 17.77 -3.72
N ILE B 100 -24.01 18.21 -4.81
CA ILE B 100 -23.15 19.41 -4.79
C ILE B 100 -23.97 20.65 -4.41
N LEU B 101 -25.11 20.82 -5.08
CA LEU B 101 -26.02 21.94 -4.84
C LEU B 101 -26.63 21.88 -3.43
N ARG B 102 -26.63 20.67 -2.86
CA ARG B 102 -27.18 20.44 -1.53
C ARG B 102 -26.19 20.81 -0.42
N VAL B 103 -24.94 20.36 -0.57
CA VAL B 103 -23.89 20.59 0.43
C VAL B 103 -23.45 22.06 0.44
N LYS B 104 -23.25 22.64 -0.74
CA LYS B 104 -22.85 24.04 -0.87
C LYS B 104 -24.00 25.00 -0.61
N ASP B 105 -25.22 24.49 -0.78
CA ASP B 105 -26.46 25.27 -0.58
C ASP B 105 -26.53 26.47 -1.53
N THR B 106 -26.31 26.19 -2.82
CA THR B 106 -26.27 27.23 -3.85
C THR B 106 -27.10 26.81 -5.06
N ASP B 107 -27.49 27.80 -5.88
CA ASP B 107 -28.29 27.56 -7.08
C ASP B 107 -27.44 27.01 -8.23
N ASP B 108 -26.32 27.67 -8.51
CA ASP B 108 -25.42 27.25 -9.58
C ASP B 108 -23.98 27.06 -9.09
N VAL B 109 -23.31 26.06 -9.66
CA VAL B 109 -21.93 25.72 -9.29
C VAL B 109 -21.10 25.48 -10.55
N PRO B 110 -19.91 26.10 -10.64
CA PRO B 110 -18.99 25.88 -11.76
C PRO B 110 -18.57 24.41 -11.83
N MET B 111 -19.01 23.71 -12.88
CA MET B 111 -18.68 22.29 -13.03
C MET B 111 -18.43 21.86 -14.48
N ILE B 112 -17.67 20.78 -14.63
CA ILE B 112 -17.32 20.21 -15.92
C ILE B 112 -17.72 18.72 -15.98
N LEU B 113 -18.34 18.33 -17.09
CA LEU B 113 -18.73 16.93 -17.31
C LEU B 113 -17.69 16.22 -18.15
N VAL B 114 -17.24 15.06 -17.68
CA VAL B 114 -16.11 14.35 -18.28
C VAL B 114 -16.44 12.90 -18.61
N GLY B 115 -16.23 12.52 -19.86
CA GLY B 115 -16.39 11.13 -20.29
C GLY B 115 -15.05 10.47 -20.53
N ASN B 116 -14.49 9.89 -19.47
CA ASN B 116 -13.15 9.31 -19.49
C ASN B 116 -13.07 8.01 -20.30
N LYS B 117 -11.83 7.59 -20.57
CA LYS B 117 -11.51 6.34 -21.31
C LYS B 117 -11.92 6.39 -22.78
N CYS B 118 -11.91 7.58 -23.37
CA CYS B 118 -12.32 7.79 -24.76
C CYS B 118 -11.35 7.20 -25.80
N ASP B 119 -10.19 6.75 -25.32
CA ASP B 119 -9.17 6.16 -26.18
C ASP B 119 -9.56 4.79 -26.74
N LEU B 120 -10.34 4.03 -25.97
CA LEU B 120 -10.78 2.71 -26.41
C LEU B 120 -12.23 2.71 -26.90
N GLU B 121 -12.39 2.49 -28.21
CA GLU B 121 -13.68 2.57 -28.89
C GLU B 121 -14.31 1.18 -29.09
N ASP B 122 -13.48 0.15 -29.09
CA ASP B 122 -13.94 -1.24 -29.28
C ASP B 122 -14.65 -1.81 -28.06
N GLU B 123 -14.72 -1.04 -26.97
CA GLU B 123 -15.41 -1.43 -25.75
C GLU B 123 -16.46 -0.41 -25.33
N ARG B 124 -16.67 0.61 -26.17
CA ARG B 124 -17.63 1.67 -25.88
C ARG B 124 -19.08 1.18 -25.87
N VAL B 125 -19.74 1.35 -24.73
CA VAL B 125 -21.17 1.06 -24.62
C VAL B 125 -21.97 2.35 -24.40
N VAL B 126 -21.25 3.43 -24.09
CA VAL B 126 -21.85 4.74 -23.87
C VAL B 126 -21.38 5.70 -24.96
N GLY B 127 -22.25 5.94 -25.94
CA GLY B 127 -21.95 6.85 -27.04
C GLY B 127 -21.84 8.31 -26.59
N LYS B 128 -21.26 9.13 -27.46
CA LYS B 128 -21.07 10.56 -27.21
C LYS B 128 -22.40 11.27 -26.98
N GLU B 129 -23.45 10.74 -27.62
CA GLU B 129 -24.82 11.25 -27.59
C GLU B 129 -25.24 11.89 -26.26
N GLN B 130 -25.18 11.09 -25.19
CA GLN B 130 -25.78 11.41 -23.89
C GLN B 130 -25.11 12.58 -23.15
N GLY B 131 -23.81 12.79 -23.41
CA GLY B 131 -23.02 13.77 -22.68
C GLY B 131 -23.41 15.22 -22.90
N GLN B 132 -23.50 15.62 -24.17
CA GLN B 132 -23.73 17.02 -24.54
C GLN B 132 -25.06 17.58 -24.01
N ASN B 133 -26.07 16.72 -23.95
CA ASN B 133 -27.41 17.10 -23.50
C ASN B 133 -27.46 17.57 -22.04
N LEU B 134 -26.66 16.94 -21.20
CA LEU B 134 -26.60 17.28 -19.77
C LEU B 134 -25.57 18.38 -19.51
N ALA B 142 -19.98 22.33 -19.55
CA ALA B 142 -19.30 21.86 -20.75
C ALA B 142 -19.11 20.33 -20.74
N PHE B 143 -18.78 19.77 -21.90
CA PHE B 143 -18.57 18.33 -22.03
C PHE B 143 -17.27 17.99 -22.76
N LEU B 144 -16.54 17.04 -22.20
CA LEU B 144 -15.28 16.55 -22.78
C LEU B 144 -15.27 15.02 -22.80
N GLU B 145 -14.73 14.47 -23.88
CA GLU B 145 -14.36 13.05 -23.90
C GLU B 145 -12.85 12.94 -23.74
N SER B 146 -12.41 12.61 -22.53
CA SER B 146 -10.99 12.59 -22.20
C SER B 146 -10.43 11.19 -22.01
N SER B 147 -9.11 11.10 -21.90
CA SER B 147 -8.43 9.85 -21.57
C SER B 147 -7.22 10.16 -20.70
N ALA B 148 -7.10 9.47 -19.58
CA ALA B 148 -5.98 9.67 -18.65
C ALA B 148 -4.73 8.95 -19.14
N LYS B 149 -4.90 7.70 -19.57
CA LYS B 149 -3.77 6.87 -20.01
C LYS B 149 -3.23 7.27 -21.39
N SER B 150 -4.03 8.03 -22.14
CA SER B 150 -3.61 8.51 -23.46
C SER B 150 -3.43 10.04 -23.51
N LYS B 151 -3.45 10.67 -22.34
CA LYS B 151 -3.18 12.10 -22.17
C LYS B 151 -4.11 13.05 -22.95
N ILE B 152 -5.25 12.53 -23.39
CA ILE B 152 -6.25 13.33 -24.12
C ILE B 152 -7.07 14.18 -23.14
N ASN B 153 -7.06 15.49 -23.36
CA ASN B 153 -7.87 16.45 -22.60
C ASN B 153 -7.68 16.47 -21.07
N VAL B 154 -6.58 15.90 -20.60
CA VAL B 154 -6.28 15.84 -19.16
C VAL B 154 -6.18 17.24 -18.56
N ASN B 155 -5.34 18.09 -19.16
CA ASN B 155 -5.14 19.46 -18.71
C ASN B 155 -6.38 20.33 -18.93
N GLU B 156 -7.07 20.08 -20.05
CA GLU B 156 -8.24 20.87 -20.45
C GLU B 156 -9.35 20.85 -19.40
N ILE B 157 -9.60 19.68 -18.81
CA ILE B 157 -10.60 19.48 -17.75
C ILE B 157 -10.50 20.54 -16.66
N PHE B 158 -9.28 20.75 -16.16
CA PHE B 158 -9.04 21.62 -15.02
C PHE B 158 -8.86 23.09 -15.42
N TYR B 159 -8.74 23.34 -16.73
CA TYR B 159 -8.67 24.71 -17.24
C TYR B 159 -10.04 25.39 -17.20
N ASP B 160 -11.06 24.66 -17.65
CA ASP B 160 -12.44 25.14 -17.65
C ASP B 160 -12.90 25.69 -16.30
N LEU B 161 -12.56 24.96 -15.23
CA LEU B 161 -13.03 25.27 -13.88
C LEU B 161 -12.48 26.58 -13.33
N VAL B 162 -11.24 26.92 -13.71
CA VAL B 162 -10.60 28.16 -13.27
C VAL B 162 -11.24 29.37 -13.96
N ARG B 163 -11.62 29.17 -15.23
CA ARG B 163 -12.36 30.19 -15.98
C ARG B 163 -13.73 30.42 -15.35
N GLN B 164 -14.39 29.33 -14.99
CA GLN B 164 -15.70 29.36 -14.36
C GLN B 164 -15.58 29.62 -12.86
CL1 H07 C . 28.79 -1.53 -12.78
C12 H07 C . 28.96 -3.30 -13.07
C11 H07 C . 27.83 -4.08 -13.33
C10 H07 C . 27.97 -5.45 -13.54
C13 H07 C . 30.23 -3.89 -13.02
C14 H07 C . 30.36 -5.25 -13.23
C9 H07 C . 29.24 -6.04 -13.50
S2 H07 C . 29.41 -7.71 -13.75
C8 H07 C . 28.39 -8.49 -12.56
N7 H07 C . 27.24 -9.08 -12.93
C5 H07 C . 26.74 -9.55 -11.77
C6 H07 C . 25.53 -10.30 -11.37
N6 H07 C . 24.62 -10.66 -12.30
N1 H07 C . 25.36 -10.60 -10.06
C2 H07 C . 26.26 -10.23 -9.14
N3 H07 C . 27.39 -9.55 -9.42
C4 H07 C . 27.69 -9.18 -10.68
N9 H07 C . 28.70 -8.51 -11.26
C1' H07 C . 29.90 -7.93 -10.59
C2' H07 C . 29.53 -6.85 -9.57
O2' H07 C . 30.34 -5.69 -9.76
C6' H07 C . 29.63 -4.48 -9.54
O4' H07 C . 30.58 -8.99 -9.90
C4' H07 C . 30.97 -8.49 -8.63
C3' H07 C . 29.85 -7.55 -8.25
O3' H07 C . 30.31 -6.74 -7.18
C5' H07 C . 31.17 -9.51 -7.53
O5' H07 C . 31.59 -8.77 -6.37
P H07 C . 30.73 -7.51 -5.83
O1P H07 C . 29.48 -8.07 -5.19
O2P H07 C . 31.63 -6.60 -5.02
S SO4 D . -11.15 5.28 -10.12
O1 SO4 D . -10.49 4.66 -11.27
O2 SO4 D . -10.20 6.10 -9.36
O3 SO4 D . -12.25 6.14 -10.57
O4 SO4 D . -11.70 4.23 -9.28
#